data_7N4J
#
_entry.id   7N4J
#
_cell.length_a   46.255
_cell.length_b   70.460
_cell.length_c   107.255
_cell.angle_alpha   90.000
_cell.angle_beta   98.190
_cell.angle_gamma   90.000
#
_symmetry.space_group_name_H-M   'P 1 21 1'
#
loop_
_entity.id
_entity.type
_entity.pdbx_description
1 polymer 'Spike protein S1'
2 polymer 'WRAIR-2173 antibody Fab heavy chain'
3 polymer 'WRAIR-2173 antibody Fab light chain'
4 branched beta-D-mannopyranose-(1-4)-2-acetamido-2-deoxy-beta-D-glucopyranose-(1-4)-2-acetamido-2-deoxy-beta-D-glucopyranose
5 water water
#
loop_
_entity_poly.entity_id
_entity_poly.type
_entity_poly.pdbx_seq_one_letter_code
_entity_poly.pdbx_strand_id
1 'polypeptide(L)'
;NITNLCPFGEVFNATRFASVYAWNRKRISNCVADYSVLYNSASFSTFKCYGVSPTKLNDLCFTNVYADSFVIRGDEVRQI
APGQTGKIADYNYKLPDDFTGCVIAWNSNNLDSKVGGNYNYLYRLFRKSNLKPFERDISTEIYQAGSTPCNGVEGFNCYF
PLQSYGFQPTNGVGYQPYRVVVLSFELLHAPATVCGPGSHHHHHH
;
A
2 'polypeptide(L)'
;QVQLQESGPGLVKPSETLSLTCSVSGDSISSSDYSWGWIRQPPGKGLEWIGTIYYIKNTYYNPSLRSRVTLSVDTSKNLF
SLKLSSVTAADTAVYYCARERPPFDVVVVPAARPYNWFDPWGLGTLVIVSSASTKGPSVFPLAPSSKSTSGGTAALGCLV
KDYFPEPVTVSWNSGALTSGVHTFPAVLQSSGLYSLSSVVTVPSSSLGTQTYICNVNHKPSNTKVDKRVEPKSCDK
;
H
3 'polypeptide(L)'
;QSVLMQPPSVSGAPGQRVTISCTGSSSNIGAGYDVHWYQQLPGTAPKLLIYGNNNRPSGVPDRFSGSKSGTSASLAITGL
QADDEADYYCQSYDSSLSGSKVFGGGTKLTVLGQPKAAPSVTLFPPSSEELQANKATLVCLISDFYPGAVTVAWKADSSP
VKAGVETTTPSKQSNNKYAASSYLSLTPEQWKSHRSYSCQVTHEGSTVEKTVAPTECS
;
L
#
# COMPACT_ATOMS: atom_id res chain seq x y z
N ASN A 1 -65.32 0.13 9.74
CA ASN A 1 -64.94 -1.23 9.37
C ASN A 1 -63.50 -1.30 8.89
N ILE A 2 -62.92 -0.16 8.54
CA ILE A 2 -61.54 -0.11 8.04
C ILE A 2 -60.60 -0.29 9.23
N THR A 3 -60.67 -1.45 9.87
CA THR A 3 -59.83 -1.80 11.00
C THR A 3 -58.52 -2.45 10.57
N ASN A 4 -58.16 -2.37 9.29
CA ASN A 4 -56.90 -2.92 8.82
C ASN A 4 -55.81 -1.88 9.04
N LEU A 5 -54.86 -2.19 9.94
CA LEU A 5 -53.73 -1.31 10.13
C LEU A 5 -52.84 -1.32 8.89
N CYS A 6 -52.18 -0.20 8.66
CA CYS A 6 -51.32 -0.11 7.48
C CYS A 6 -50.15 -1.08 7.61
N PRO A 7 -49.74 -1.72 6.52
CA PRO A 7 -48.70 -2.76 6.58
C PRO A 7 -47.29 -2.19 6.71
N PHE A 8 -47.02 -1.59 7.87
CA PHE A 8 -45.71 -1.00 8.10
C PHE A 8 -44.65 -2.07 8.37
N GLY A 9 -45.04 -3.18 9.01
CA GLY A 9 -44.08 -4.25 9.25
C GLY A 9 -43.55 -4.86 7.97
N GLU A 10 -44.34 -4.82 6.90
CA GLU A 10 -43.86 -5.31 5.61
C GLU A 10 -42.61 -4.59 5.16
N VAL A 11 -42.54 -3.28 5.39
CA VAL A 11 -41.38 -2.49 4.99
C VAL A 11 -40.30 -2.51 6.06
N PHE A 12 -40.69 -2.26 7.32
CA PHE A 12 -39.71 -2.13 8.39
C PHE A 12 -39.07 -3.46 8.76
N ASN A 13 -39.83 -4.55 8.68
CA ASN A 13 -39.34 -5.86 9.09
C ASN A 13 -38.94 -6.74 7.91
N ALA A 14 -38.82 -6.16 6.72
CA ALA A 14 -38.36 -6.91 5.56
C ALA A 14 -36.98 -7.51 5.85
N THR A 15 -36.82 -8.79 5.51
CA THR A 15 -35.60 -9.51 5.87
C THR A 15 -34.38 -8.95 5.13
N ARG A 16 -34.56 -8.53 3.87
CA ARG A 16 -33.51 -7.90 3.11
C ARG A 16 -33.94 -6.50 2.70
N PHE A 17 -32.97 -5.58 2.68
CA PHE A 17 -33.19 -4.21 2.23
C PHE A 17 -32.45 -3.98 0.92
N ALA A 18 -32.87 -2.95 0.20
CA ALA A 18 -32.23 -2.64 -1.07
C ALA A 18 -30.97 -1.83 -0.86
N SER A 19 -30.08 -1.87 -1.85
CA SER A 19 -29.00 -0.89 -1.92
C SER A 19 -29.58 0.49 -2.14
N VAL A 20 -28.87 1.51 -1.64
CA VAL A 20 -29.41 2.87 -1.70
C VAL A 20 -29.57 3.34 -3.14
N TYR A 21 -28.68 2.89 -4.04
CA TYR A 21 -28.79 3.32 -5.43
C TYR A 21 -30.05 2.75 -6.09
N ALA A 22 -30.47 1.56 -5.67
CA ALA A 22 -31.71 0.96 -6.15
C ALA A 22 -32.75 0.93 -5.04
N TRP A 23 -32.94 2.06 -4.36
CA TRP A 23 -33.81 2.12 -3.19
C TRP A 23 -35.22 1.65 -3.52
N ASN A 24 -35.87 1.00 -2.56
CA ASN A 24 -37.20 0.47 -2.79
C ASN A 24 -38.27 1.49 -2.39
N ARG A 25 -39.44 1.38 -3.02
CA ARG A 25 -40.59 2.18 -2.68
C ARG A 25 -41.81 1.29 -2.55
N LYS A 26 -42.53 1.42 -1.45
CA LYS A 26 -43.77 0.71 -1.20
C LYS A 26 -44.91 1.71 -1.14
N ARG A 27 -45.95 1.46 -1.92
CA ARG A 27 -47.15 2.30 -1.92
C ARG A 27 -48.10 1.77 -0.86
N ILE A 28 -48.51 2.64 0.07
CA ILE A 28 -49.41 2.28 1.14
C ILE A 28 -50.63 3.20 1.08
N SER A 29 -51.81 2.59 0.98
CA SER A 29 -53.08 3.30 0.90
C SER A 29 -54.18 2.42 1.45
N ASN A 30 -55.32 3.05 1.74
CA ASN A 30 -56.55 2.38 2.16
C ASN A 30 -56.33 1.59 3.46
N CYS A 31 -55.89 2.30 4.49
CA CYS A 31 -55.68 1.67 5.79
C CYS A 31 -55.53 2.76 6.85
N VAL A 32 -55.47 2.31 8.11
CA VAL A 32 -55.31 3.20 9.27
C VAL A 32 -53.85 3.14 9.70
N ALA A 33 -53.25 4.31 9.95
CA ALA A 33 -51.84 4.42 10.29
C ALA A 33 -51.68 5.20 11.59
N ASP A 34 -51.43 4.50 12.69
CA ASP A 34 -51.00 5.13 13.92
C ASP A 34 -49.48 5.18 13.97
N TYR A 35 -48.92 6.37 14.16
CA TYR A 35 -47.48 6.57 14.14
C TYR A 35 -46.87 6.50 15.54
N SER A 36 -47.70 6.60 16.59
CA SER A 36 -47.23 6.37 17.96
C SER A 36 -46.62 4.98 18.10
N VAL A 37 -47.32 3.95 17.61
CA VAL A 37 -46.79 2.60 17.70
C VAL A 37 -45.56 2.44 16.83
N LEU A 38 -45.40 3.27 15.80
CA LEU A 38 -44.16 3.24 15.03
C LEU A 38 -43.02 3.79 15.87
N TYR A 39 -43.21 4.96 16.48
CA TYR A 39 -42.23 5.53 17.39
C TYR A 39 -42.10 4.74 18.69
N ASN A 40 -42.86 3.67 18.86
CA ASN A 40 -42.68 2.75 19.97
C ASN A 40 -42.42 1.31 19.52
N SER A 41 -42.16 1.09 18.23
CA SER A 41 -42.05 -0.27 17.69
C SER A 41 -40.69 -0.88 17.95
N ALA A 42 -39.65 -0.05 18.01
CA ALA A 42 -38.30 -0.49 18.31
C ALA A 42 -37.51 0.73 18.73
N SER A 43 -36.23 0.54 18.97
CA SER A 43 -35.33 1.64 19.32
C SER A 43 -34.70 2.13 18.03
N PHE A 44 -35.20 3.26 17.52
CA PHE A 44 -34.69 3.86 16.31
C PHE A 44 -33.58 4.85 16.64
N SER A 45 -32.47 4.77 15.91
CA SER A 45 -31.41 5.76 16.06
C SER A 45 -31.88 7.13 15.60
N THR A 46 -32.60 7.19 14.48
CA THR A 46 -33.09 8.44 13.92
C THR A 46 -34.59 8.37 13.73
N PHE A 47 -35.28 9.43 14.13
CA PHE A 47 -36.72 9.56 13.89
C PHE A 47 -37.03 11.06 13.79
N LYS A 48 -36.86 11.62 12.60
CA LYS A 48 -37.07 13.04 12.38
C LYS A 48 -38.24 13.26 11.44
N CYS A 49 -39.06 14.27 11.73
CA CYS A 49 -40.17 14.61 10.84
C CYS A 49 -40.04 16.06 10.40
N TYR A 50 -40.46 16.31 9.16
CA TYR A 50 -40.35 17.61 8.51
C TYR A 50 -41.70 17.97 7.91
N GLY A 51 -42.07 19.25 8.04
CA GLY A 51 -43.27 19.78 7.43
C GLY A 51 -44.51 19.73 8.32
N VAL A 52 -44.64 18.70 9.15
CA VAL A 52 -45.75 18.58 10.09
C VAL A 52 -45.22 18.21 11.45
N SER A 53 -45.91 18.66 12.49
CA SER A 53 -45.43 18.50 13.86
C SER A 53 -45.48 17.03 14.28
N PRO A 54 -44.39 16.49 14.82
CA PRO A 54 -44.41 15.08 15.27
C PRO A 54 -45.26 14.83 16.51
N THR A 55 -45.86 15.85 17.12
CA THR A 55 -46.70 15.62 18.29
C THR A 55 -48.03 14.99 17.88
N LYS A 56 -48.75 15.64 16.96
CA LYS A 56 -50.07 15.17 16.56
C LYS A 56 -50.07 14.67 15.13
N LEU A 57 -49.12 13.79 14.79
CA LEU A 57 -49.11 13.16 13.47
C LEU A 57 -50.35 12.28 13.28
N ASN A 58 -50.87 11.70 14.36
CA ASN A 58 -51.99 10.79 14.28
C ASN A 58 -53.28 11.48 13.89
N ASP A 59 -53.40 12.78 14.13
CA ASP A 59 -54.61 13.52 13.79
C ASP A 59 -54.63 13.99 12.33
N LEU A 60 -53.74 13.48 11.48
CA LEU A 60 -53.62 13.91 10.10
C LEU A 60 -54.11 12.83 9.15
N CYS A 61 -54.40 13.25 7.92
CA CYS A 61 -54.85 12.37 6.86
C CYS A 61 -54.15 12.75 5.57
N PHE A 62 -54.00 11.78 4.67
CA PHE A 62 -53.32 12.00 3.40
C PHE A 62 -53.91 11.10 2.33
N THR A 63 -53.62 11.44 1.07
CA THR A 63 -54.12 10.66 -0.05
C THR A 63 -53.49 9.26 -0.07
N ASN A 64 -52.17 9.20 0.04
CA ASN A 64 -51.49 7.93 0.28
C ASN A 64 -50.09 8.24 0.78
N VAL A 65 -49.42 7.19 1.28
CA VAL A 65 -48.07 7.33 1.80
C VAL A 65 -47.15 6.42 1.03
N TYR A 66 -45.91 6.86 0.85
CA TYR A 66 -44.88 6.08 0.18
C TYR A 66 -43.75 5.82 1.15
N ALA A 67 -43.33 4.56 1.23
CA ALA A 67 -42.27 4.14 2.15
C ALA A 67 -41.07 3.69 1.32
N ASP A 68 -40.05 4.53 1.25
CA ASP A 68 -38.81 4.17 0.57
C ASP A 68 -37.84 3.58 1.58
N SER A 69 -37.12 2.55 1.19
CA SER A 69 -36.22 1.91 2.14
C SER A 69 -34.93 1.50 1.45
N PHE A 70 -33.84 1.52 2.23
CA PHE A 70 -32.51 1.21 1.72
C PHE A 70 -31.55 1.14 2.90
N VAL A 71 -30.31 0.79 2.61
CA VAL A 71 -29.24 0.73 3.60
C VAL A 71 -28.15 1.71 3.19
N ILE A 72 -27.63 2.47 4.15
CA ILE A 72 -26.44 3.28 3.96
C ILE A 72 -25.53 3.03 5.15
N ARG A 73 -24.43 3.78 5.25
CA ARG A 73 -23.61 3.68 6.44
C ARG A 73 -23.94 4.82 7.40
N GLY A 74 -23.53 4.65 8.66
CA GLY A 74 -24.02 5.54 9.72
C GLY A 74 -23.76 7.00 9.44
N ASP A 75 -22.51 7.34 9.12
CA ASP A 75 -22.14 8.73 8.88
C ASP A 75 -22.92 9.37 7.75
N GLU A 76 -23.67 8.60 6.97
CA GLU A 76 -24.44 9.15 5.87
C GLU A 76 -25.92 9.34 6.19
N VAL A 77 -26.38 8.92 7.38
CA VAL A 77 -27.78 9.12 7.71
C VAL A 77 -28.13 10.61 7.69
N ARG A 78 -27.18 11.45 8.09
CA ARG A 78 -27.40 12.90 8.08
C ARG A 78 -27.70 13.45 6.69
N GLN A 79 -27.33 12.72 5.63
CA GLN A 79 -27.62 13.17 4.28
C GLN A 79 -29.06 12.90 3.84
N ILE A 80 -29.81 12.09 4.60
CA ILE A 80 -31.19 11.81 4.27
C ILE A 80 -32.06 12.87 4.95
N ALA A 81 -32.00 14.09 4.44
CA ALA A 81 -32.67 15.24 5.02
C ALA A 81 -32.70 16.35 3.98
N PRO A 82 -33.62 17.31 4.11
CA PRO A 82 -33.67 18.41 3.13
C PRO A 82 -32.40 19.25 3.15
N GLY A 83 -32.07 19.82 1.99
CA GLY A 83 -30.94 20.72 1.87
C GLY A 83 -29.58 20.09 2.05
N GLN A 84 -29.48 18.76 2.06
CA GLN A 84 -28.22 18.08 2.27
C GLN A 84 -27.50 17.86 0.96
N THR A 85 -26.18 17.69 1.06
CA THR A 85 -25.33 17.34 -0.06
C THR A 85 -24.41 16.19 0.35
N GLY A 86 -23.70 15.65 -0.62
CA GLY A 86 -22.90 14.45 -0.45
C GLY A 86 -23.25 13.40 -1.49
N LYS A 87 -22.42 12.36 -1.51
CA LYS A 87 -22.58 11.33 -2.54
C LYS A 87 -23.95 10.67 -2.49
N ILE A 88 -24.50 10.50 -1.28
CA ILE A 88 -25.82 9.89 -1.15
C ILE A 88 -26.90 10.85 -1.61
N ALA A 89 -26.90 12.07 -1.07
CA ALA A 89 -27.93 13.05 -1.43
C ALA A 89 -27.81 13.44 -2.89
N ASP A 90 -26.59 13.55 -3.41
CA ASP A 90 -26.42 13.99 -4.80
C ASP A 90 -26.70 12.87 -5.79
N TYR A 91 -26.22 11.66 -5.51
CA TYR A 91 -26.20 10.61 -6.50
C TYR A 91 -27.10 9.41 -6.22
N ASN A 92 -27.69 9.31 -5.02
CA ASN A 92 -28.35 8.07 -4.65
C ASN A 92 -29.80 8.23 -4.21
N TYR A 93 -30.05 9.12 -3.24
CA TYR A 93 -31.41 9.36 -2.77
C TYR A 93 -31.51 10.82 -2.31
N LYS A 94 -32.40 11.57 -2.94
CA LYS A 94 -32.49 13.01 -2.74
C LYS A 94 -33.88 13.37 -2.23
N LEU A 95 -33.93 14.07 -1.10
CA LEU A 95 -35.15 14.65 -0.56
C LEU A 95 -35.31 16.10 -1.02
N PRO A 96 -36.52 16.56 -1.28
CA PRO A 96 -36.71 17.95 -1.68
C PRO A 96 -36.50 18.89 -0.49
N ASP A 97 -36.37 20.18 -0.82
CA ASP A 97 -36.21 21.18 0.24
C ASP A 97 -37.48 21.35 1.05
N ASP A 98 -38.64 21.30 0.40
CA ASP A 98 -39.93 21.41 1.07
C ASP A 98 -40.50 20.06 1.50
N PHE A 99 -39.63 19.11 1.86
CA PHE A 99 -40.07 17.76 2.20
C PHE A 99 -41.04 17.79 3.37
N THR A 100 -42.12 17.02 3.24
CA THR A 100 -43.07 16.79 4.33
C THR A 100 -43.17 15.28 4.52
N GLY A 101 -42.61 14.78 5.61
CA GLY A 101 -42.57 13.35 5.85
C GLY A 101 -41.68 13.07 7.04
N CYS A 102 -41.28 11.80 7.18
CA CYS A 102 -40.40 11.45 8.28
C CYS A 102 -39.29 10.53 7.80
N VAL A 103 -38.10 10.71 8.37
CA VAL A 103 -36.94 9.87 8.12
C VAL A 103 -36.71 9.04 9.38
N ILE A 104 -36.73 7.72 9.22
CA ILE A 104 -36.57 6.76 10.31
C ILE A 104 -35.36 5.89 9.97
N ALA A 105 -34.47 5.69 10.95
CA ALA A 105 -33.29 4.89 10.68
C ALA A 105 -32.87 4.16 11.95
N TRP A 106 -32.27 2.98 11.75
CA TRP A 106 -31.75 2.20 12.87
C TRP A 106 -30.52 1.42 12.44
N ASN A 107 -29.69 1.10 13.43
CA ASN A 107 -28.47 0.34 13.20
C ASN A 107 -28.80 -1.11 12.89
N SER A 108 -28.29 -1.62 11.77
CA SER A 108 -28.54 -2.99 11.33
C SER A 108 -27.26 -3.80 11.26
N ASN A 109 -26.28 -3.47 12.12
CA ASN A 109 -25.00 -4.17 12.13
C ASN A 109 -25.19 -5.66 12.36
N ASN A 110 -26.18 -6.03 13.18
CA ASN A 110 -26.41 -7.45 13.46
C ASN A 110 -26.95 -8.20 12.25
N LEU A 111 -27.57 -7.50 11.30
CA LEU A 111 -28.18 -8.13 10.13
C LEU A 111 -27.35 -7.97 8.87
N ASP A 112 -26.77 -6.79 8.65
CA ASP A 112 -26.21 -6.45 7.34
C ASP A 112 -24.70 -6.50 7.27
N SER A 113 -24.01 -6.68 8.39
CA SER A 113 -22.59 -7.00 8.37
C SER A 113 -22.42 -8.49 8.62
N LYS A 114 -21.25 -9.00 8.28
CA LYS A 114 -20.92 -10.38 8.60
C LYS A 114 -19.41 -10.50 8.71
N VAL A 115 -18.97 -11.52 9.46
CA VAL A 115 -17.54 -11.74 9.60
C VAL A 115 -16.95 -12.11 8.24
N GLY A 116 -15.78 -11.57 7.93
CA GLY A 116 -15.26 -11.58 6.59
C GLY A 116 -15.76 -10.42 5.74
N GLY A 117 -16.89 -9.83 6.09
CA GLY A 117 -17.41 -8.68 5.39
C GLY A 117 -18.55 -9.00 4.46
N ASN A 118 -19.60 -8.17 4.49
CA ASN A 118 -20.63 -8.16 3.47
C ASN A 118 -20.36 -6.97 2.57
N TYR A 119 -20.19 -7.24 1.28
CA TYR A 119 -19.84 -6.20 0.31
C TYR A 119 -20.94 -5.98 -0.73
N ASN A 120 -22.13 -6.48 -0.46
CA ASN A 120 -23.19 -6.51 -1.47
C ASN A 120 -24.14 -5.33 -1.41
N TYR A 121 -23.99 -4.45 -0.41
CA TYR A 121 -24.68 -3.17 -0.41
C TYR A 121 -23.82 -2.16 -1.17
N LEU A 122 -24.40 -1.53 -2.19
CA LEU A 122 -23.64 -0.67 -3.08
C LEU A 122 -24.20 0.76 -3.04
N TYR A 123 -23.35 1.71 -3.44
CA TYR A 123 -23.80 3.08 -3.64
C TYR A 123 -23.18 3.61 -4.92
N ARG A 124 -23.88 4.56 -5.55
CA ARG A 124 -23.38 5.18 -6.77
C ARG A 124 -22.31 6.22 -6.43
N LEU A 125 -21.16 6.08 -7.06
CA LEU A 125 -20.01 6.95 -6.81
C LEU A 125 -19.88 8.08 -7.81
N PHE A 126 -20.30 7.87 -9.06
CA PHE A 126 -20.17 8.86 -10.11
C PHE A 126 -21.52 9.08 -10.78
N ARG A 127 -21.77 10.33 -11.17
CA ARG A 127 -22.94 10.66 -11.95
C ARG A 127 -22.70 12.00 -12.63
N LYS A 128 -23.21 12.14 -13.86
CA LYS A 128 -22.99 13.37 -14.61
C LYS A 128 -23.73 14.56 -14.03
N SER A 129 -24.81 14.33 -13.30
CA SER A 129 -25.57 15.40 -12.67
C SER A 129 -26.19 14.88 -11.38
N ASN A 130 -26.67 15.81 -10.56
CA ASN A 130 -27.31 15.45 -9.31
C ASN A 130 -28.72 14.94 -9.54
N LEU A 131 -29.17 14.07 -8.65
CA LEU A 131 -30.54 13.59 -8.69
C LEU A 131 -31.51 14.71 -8.34
N LYS A 132 -32.65 14.73 -9.02
CA LYS A 132 -33.78 15.51 -8.57
C LYS A 132 -34.43 14.79 -7.39
N PRO A 133 -35.26 15.47 -6.61
CA PRO A 133 -35.90 14.80 -5.47
C PRO A 133 -36.68 13.57 -5.91
N PHE A 134 -36.45 12.46 -5.22
CA PHE A 134 -37.14 11.19 -5.39
C PHE A 134 -36.88 10.52 -6.72
N GLU A 135 -35.88 10.94 -7.49
CA GLU A 135 -35.58 10.14 -8.66
C GLU A 135 -34.54 9.08 -8.31
N ARG A 136 -34.42 8.10 -9.20
CA ARG A 136 -33.72 6.86 -8.91
C ARG A 136 -32.86 6.50 -10.11
N ASP A 137 -31.61 6.14 -9.86
CA ASP A 137 -30.66 5.78 -10.91
C ASP A 137 -30.16 4.37 -10.64
N ILE A 138 -30.60 3.42 -11.47
CA ILE A 138 -30.20 2.02 -11.35
C ILE A 138 -29.26 1.61 -12.47
N SER A 139 -28.80 2.56 -13.28
CA SER A 139 -27.95 2.21 -14.42
C SER A 139 -26.58 1.75 -13.94
N THR A 140 -25.94 0.93 -14.77
CA THR A 140 -24.59 0.45 -14.52
C THR A 140 -23.68 0.76 -15.71
N GLU A 141 -23.95 1.86 -16.41
CA GLU A 141 -23.11 2.28 -17.52
C GLU A 141 -21.77 2.79 -17.01
N ILE A 142 -20.70 2.43 -17.73
CA ILE A 142 -19.37 2.91 -17.36
C ILE A 142 -19.36 4.43 -17.41
N TYR A 143 -18.83 5.04 -16.36
CA TYR A 143 -18.82 6.49 -16.25
C TYR A 143 -17.65 7.07 -17.05
N GLN A 144 -17.97 7.94 -18.01
CA GLN A 144 -16.95 8.57 -18.84
C GLN A 144 -16.48 9.84 -18.16
N ALA A 145 -15.37 9.75 -17.44
CA ALA A 145 -14.82 10.90 -16.74
C ALA A 145 -14.06 11.85 -17.66
N GLY A 146 -13.61 11.38 -18.82
CA GLY A 146 -12.78 12.19 -19.69
C GLY A 146 -13.36 12.41 -21.06
N SER A 147 -12.51 12.82 -22.00
CA SER A 147 -12.93 13.13 -23.36
C SER A 147 -13.00 11.91 -24.27
N THR A 148 -12.43 10.78 -23.85
CA THR A 148 -12.36 9.59 -24.69
C THR A 148 -13.46 8.62 -24.30
N PRO A 149 -14.28 8.15 -25.25
CA PRO A 149 -15.40 7.28 -24.91
C PRO A 149 -14.94 5.92 -24.38
N CYS A 150 -15.82 5.32 -23.58
CA CYS A 150 -15.46 4.13 -22.82
C CYS A 150 -15.81 2.83 -23.52
N ASN A 151 -16.85 2.82 -24.36
CA ASN A 151 -17.26 1.62 -25.09
C ASN A 151 -17.55 0.45 -24.15
N GLY A 152 -18.11 0.75 -22.98
CA GLY A 152 -18.48 -0.28 -22.03
C GLY A 152 -17.33 -0.97 -21.34
N VAL A 153 -16.13 -0.40 -21.40
CA VAL A 153 -14.93 -1.01 -20.86
C VAL A 153 -14.32 -0.09 -19.83
N GLU A 154 -13.84 -0.67 -18.73
CA GLU A 154 -13.16 0.13 -17.70
C GLU A 154 -11.72 0.40 -18.10
N GLY A 155 -11.28 1.62 -17.81
CA GLY A 155 -9.91 2.03 -18.07
C GLY A 155 -9.68 3.35 -17.37
N PHE A 156 -8.57 4.01 -17.72
CA PHE A 156 -8.37 5.34 -17.17
C PHE A 156 -9.48 6.27 -17.65
N ASN A 157 -10.08 6.99 -16.71
CA ASN A 157 -11.19 7.91 -16.95
C ASN A 157 -12.45 7.17 -17.42
N CYS A 158 -12.53 5.86 -17.17
CA CYS A 158 -13.70 5.05 -17.50
C CYS A 158 -13.95 4.14 -16.30
N TYR A 159 -14.90 4.51 -15.47
CA TYR A 159 -15.06 3.92 -14.14
C TYR A 159 -16.44 3.29 -13.99
N PHE A 160 -16.47 2.10 -13.39
CA PHE A 160 -17.73 1.50 -13.00
C PHE A 160 -18.44 2.42 -12.01
N PRO A 161 -19.73 2.71 -12.19
CA PRO A 161 -20.35 3.78 -11.41
C PRO A 161 -20.72 3.42 -9.98
N LEU A 162 -20.72 2.14 -9.61
CA LEU A 162 -21.12 1.72 -8.27
C LEU A 162 -19.92 1.23 -7.49
N GLN A 163 -20.03 1.29 -6.16
CA GLN A 163 -18.97 0.81 -5.28
C GLN A 163 -19.58 0.15 -4.05
N SER A 164 -18.93 -0.91 -3.58
CA SER A 164 -19.39 -1.61 -2.38
C SER A 164 -19.12 -0.81 -1.11
N TYR A 165 -20.05 -0.92 -0.17
CA TYR A 165 -19.72 -0.69 1.23
C TYR A 165 -19.01 -1.93 1.77
N GLY A 166 -18.06 -1.71 2.67
CA GLY A 166 -17.44 -2.83 3.37
C GLY A 166 -17.95 -2.95 4.80
N PHE A 167 -18.97 -3.78 5.01
CA PHE A 167 -19.65 -3.89 6.31
C PHE A 167 -19.08 -5.10 7.07
N GLN A 168 -18.28 -4.82 8.08
CA GLN A 168 -17.80 -5.82 9.02
C GLN A 168 -18.25 -5.47 10.43
N PRO A 169 -18.49 -6.48 11.28
CA PRO A 169 -19.13 -6.20 12.58
C PRO A 169 -18.35 -5.25 13.46
N THR A 170 -17.02 -5.25 13.39
CA THR A 170 -16.20 -4.44 14.27
C THR A 170 -15.89 -3.06 13.72
N ASN A 171 -16.49 -2.69 12.58
CA ASN A 171 -16.35 -1.34 12.05
C ASN A 171 -16.74 -0.29 13.08
N GLY A 172 -16.11 0.87 12.97
CA GLY A 172 -16.64 2.04 13.66
C GLY A 172 -18.08 2.29 13.26
N VAL A 173 -18.83 2.88 14.20
CA VAL A 173 -20.27 3.04 14.02
C VAL A 173 -20.57 3.85 12.76
N GLY A 174 -19.71 4.83 12.45
CA GLY A 174 -19.89 5.59 11.22
C GLY A 174 -19.81 4.75 9.97
N TYR A 175 -19.16 3.59 10.04
CA TYR A 175 -19.05 2.69 8.90
C TYR A 175 -19.86 1.42 9.09
N GLN A 176 -20.82 1.43 10.00
CA GLN A 176 -21.72 0.30 10.15
C GLN A 176 -22.98 0.53 9.33
N PRO A 177 -23.67 -0.54 8.94
CA PRO A 177 -24.88 -0.37 8.11
C PRO A 177 -26.04 0.14 8.95
N TYR A 178 -26.83 1.02 8.34
CA TYR A 178 -28.06 1.54 8.90
C TYR A 178 -29.17 1.35 7.90
N ARG A 179 -30.27 0.78 8.36
CA ARG A 179 -31.48 0.66 7.57
C ARG A 179 -32.30 1.94 7.72
N VAL A 180 -32.75 2.46 6.59
CA VAL A 180 -33.47 3.73 6.51
C VAL A 180 -34.80 3.48 5.80
N VAL A 181 -35.87 4.00 6.40
CA VAL A 181 -37.20 4.08 5.82
C VAL A 181 -37.62 5.54 5.82
N VAL A 182 -38.01 6.04 4.65
CA VAL A 182 -38.48 7.41 4.46
C VAL A 182 -39.97 7.35 4.17
N LEU A 183 -40.75 8.05 4.98
CA LEU A 183 -42.19 8.14 4.81
C LEU A 183 -42.54 9.47 4.14
N SER A 184 -43.06 9.40 2.93
CA SER A 184 -43.60 10.55 2.22
C SER A 184 -45.12 10.53 2.31
N PHE A 185 -45.71 11.68 2.62
CA PHE A 185 -47.15 11.84 2.68
C PHE A 185 -47.60 12.66 1.49
N GLU A 186 -48.46 12.09 0.66
CA GLU A 186 -48.93 12.78 -0.54
C GLU A 186 -50.24 13.49 -0.24
N LEU A 187 -50.23 14.81 -0.35
CA LEU A 187 -51.43 15.63 -0.19
C LEU A 187 -51.89 16.06 -1.58
N LEU A 188 -52.84 15.33 -2.13
CA LEU A 188 -53.35 15.60 -3.47
C LEU A 188 -54.80 16.08 -3.40
N HIS A 189 -55.21 16.78 -4.45
CA HIS A 189 -56.58 17.28 -4.54
C HIS A 189 -57.53 16.11 -4.79
N ALA A 190 -57.63 15.23 -3.80
CA ALA A 190 -58.37 13.98 -3.90
C ALA A 190 -58.69 13.51 -2.48
N PRO A 191 -59.69 12.66 -2.31
CA PRO A 191 -60.06 12.23 -0.95
C PRO A 191 -58.91 11.53 -0.24
N ALA A 192 -58.82 11.77 1.07
CA ALA A 192 -57.84 11.06 1.88
C ALA A 192 -58.13 9.57 1.87
N THR A 193 -57.10 8.79 2.19
CA THR A 193 -57.17 7.34 2.01
C THR A 193 -56.25 6.68 3.02
N VAL A 194 -55.33 7.45 3.58
CA VAL A 194 -54.57 7.08 4.78
C VAL A 194 -54.89 8.10 5.86
N CYS A 195 -55.30 7.60 7.03
CA CYS A 195 -55.72 8.44 8.14
C CYS A 195 -55.28 7.81 9.44
N GLY A 196 -54.83 8.63 10.38
CA GLY A 196 -54.52 8.17 11.71
C GLY A 196 -55.78 7.92 12.50
N PRO A 197 -55.72 7.01 13.48
CA PRO A 197 -56.88 6.81 14.35
C PRO A 197 -57.39 8.09 15.02
N GLY A 198 -56.48 8.97 15.42
CA GLY A 198 -56.87 10.13 16.21
C GLY A 198 -57.45 11.29 15.42
N SER A 199 -57.71 11.11 14.14
CA SER A 199 -58.36 12.15 13.34
C SER A 199 -59.86 11.99 13.42
N HIS A 200 -60.58 13.12 13.31
CA HIS A 200 -62.03 13.10 13.46
C HIS A 200 -62.72 12.31 12.36
N HIS A 201 -62.00 11.93 11.30
CA HIS A 201 -62.53 10.93 10.37
C HIS A 201 -62.88 9.65 11.11
N HIS A 202 -62.03 9.24 12.04
CA HIS A 202 -62.26 8.02 12.82
C HIS A 202 -62.62 8.37 14.26
N GLN B 1 -5.78 -25.31 -6.55
CA GLN B 1 -4.42 -24.85 -6.82
C GLN B 1 -4.37 -23.95 -8.05
N VAL B 2 -3.83 -22.74 -7.87
CA VAL B 2 -3.57 -21.81 -8.96
C VAL B 2 -2.09 -21.43 -8.89
N GLN B 3 -1.40 -21.54 -10.02
CA GLN B 3 0.00 -21.20 -10.09
C GLN B 3 0.24 -20.18 -11.19
N LEU B 4 1.11 -19.22 -10.94
CA LEU B 4 1.48 -18.20 -11.93
C LEU B 4 2.98 -18.24 -12.15
N GLN B 5 3.39 -18.17 -13.42
CA GLN B 5 4.80 -18.21 -13.77
C GLN B 5 5.15 -17.01 -14.64
N GLU B 6 6.01 -16.14 -14.12
CA GLU B 6 6.52 -15.02 -14.89
C GLU B 6 7.56 -15.49 -15.91
N SER B 7 7.79 -14.64 -16.90
CA SER B 7 8.85 -14.83 -17.87
C SER B 7 9.11 -13.49 -18.55
N GLY B 8 10.38 -13.14 -18.69
CA GLY B 8 10.77 -11.93 -19.36
C GLY B 8 12.27 -11.86 -19.53
N PRO B 9 12.72 -10.95 -20.38
CA PRO B 9 14.16 -10.71 -20.50
C PRO B 9 14.75 -10.20 -19.19
N GLY B 10 15.90 -10.75 -18.81
CA GLY B 10 16.53 -10.35 -17.57
C GLY B 10 17.11 -8.95 -17.63
N LEU B 11 17.67 -8.58 -18.78
CA LEU B 11 18.29 -7.27 -18.97
C LEU B 11 17.62 -6.55 -20.13
N VAL B 12 17.37 -5.26 -19.94
CA VAL B 12 16.85 -4.38 -20.98
C VAL B 12 17.63 -3.08 -20.93
N LYS B 13 17.89 -2.49 -22.09
CA LYS B 13 18.60 -1.23 -22.12
C LYS B 13 17.66 -0.07 -21.80
N PRO B 14 18.17 1.01 -21.22
CA PRO B 14 17.35 2.19 -20.98
C PRO B 14 16.69 2.67 -22.26
N SER B 15 15.47 3.21 -22.11
CA SER B 15 14.58 3.73 -23.14
C SER B 15 13.85 2.64 -23.90
N GLU B 16 14.20 1.37 -23.72
CA GLU B 16 13.49 0.28 -24.39
C GLU B 16 12.18 -0.04 -23.66
N THR B 17 11.42 -0.96 -24.23
CA THR B 17 10.16 -1.41 -23.64
C THR B 17 10.39 -2.77 -22.99
N LEU B 18 9.98 -2.89 -21.73
CA LEU B 18 10.03 -4.16 -21.03
C LEU B 18 8.76 -4.95 -21.32
N SER B 19 8.93 -6.18 -21.80
CA SER B 19 7.80 -7.08 -22.07
C SER B 19 7.89 -8.27 -21.13
N LEU B 20 6.83 -8.48 -20.35
CA LEU B 20 6.73 -9.59 -19.43
C LEU B 20 5.45 -10.37 -19.70
N THR B 21 5.51 -11.67 -19.44
CA THR B 21 4.42 -12.59 -19.68
C THR B 21 4.22 -13.43 -18.43
N CYS B 22 2.97 -13.62 -18.02
CA CYS B 22 2.63 -14.44 -16.86
C CYS B 22 1.66 -15.52 -17.31
N SER B 23 2.08 -16.77 -17.17
CA SER B 23 1.25 -17.92 -17.52
C SER B 23 0.50 -18.41 -16.29
N VAL B 24 -0.79 -18.66 -16.46
CA VAL B 24 -1.68 -19.08 -15.38
C VAL B 24 -1.99 -20.56 -15.54
N SER B 25 -1.89 -21.31 -14.44
CA SER B 25 -2.21 -22.72 -14.38
C SER B 25 -3.23 -22.96 -13.27
N GLY B 26 -4.17 -23.86 -13.53
CA GLY B 26 -5.21 -24.15 -12.57
C GLY B 26 -6.40 -23.21 -12.57
N ASP B 27 -6.45 -22.27 -13.51
CA ASP B 27 -7.57 -21.35 -13.63
C ASP B 27 -7.55 -20.76 -15.04
N SER B 28 -8.62 -20.05 -15.39
CA SER B 28 -8.77 -19.43 -16.70
C SER B 28 -8.61 -17.93 -16.57
N ILE B 29 -7.78 -17.34 -17.44
CA ILE B 29 -7.65 -15.88 -17.42
C ILE B 29 -8.87 -15.17 -17.98
N SER B 30 -9.82 -15.93 -18.56
CA SER B 30 -11.09 -15.38 -18.99
C SER B 30 -12.10 -15.27 -17.85
N SER B 31 -11.64 -15.42 -16.61
CA SER B 31 -12.54 -15.38 -15.46
C SER B 31 -13.24 -14.04 -15.36
N SER B 32 -14.52 -14.08 -14.99
CA SER B 32 -15.25 -12.88 -14.60
C SER B 32 -15.28 -12.69 -13.09
N ASP B 33 -14.61 -13.56 -12.34
CA ASP B 33 -14.45 -13.40 -10.90
C ASP B 33 -13.10 -12.80 -10.53
N TYR B 34 -12.02 -13.33 -11.09
CA TYR B 34 -10.68 -12.92 -10.70
C TYR B 34 -10.08 -11.95 -11.71
N SER B 35 -9.20 -11.09 -11.22
CA SER B 35 -8.38 -10.17 -11.99
C SER B 35 -6.93 -10.63 -11.95
N TRP B 36 -6.10 -9.99 -12.78
CA TRP B 36 -4.72 -10.40 -12.96
C TRP B 36 -3.83 -9.17 -12.89
N GLY B 37 -2.88 -9.17 -11.95
CA GLY B 37 -2.15 -7.96 -11.62
C GLY B 37 -0.64 -8.14 -11.65
N TRP B 38 0.03 -7.00 -11.73
CA TRP B 38 1.49 -6.92 -11.72
C TRP B 38 1.92 -6.02 -10.56
N ILE B 39 2.90 -6.48 -9.80
CA ILE B 39 3.52 -5.76 -8.69
C ILE B 39 5.03 -5.84 -8.90
N ARG B 40 5.76 -4.83 -8.46
CA ARG B 40 7.21 -4.88 -8.56
C ARG B 40 7.86 -4.47 -7.25
N GLN B 41 9.15 -4.80 -7.13
CA GLN B 41 9.94 -4.56 -5.93
C GLN B 41 11.39 -4.26 -6.30
N PRO B 42 11.84 -3.01 -6.20
CA PRO B 42 13.25 -2.71 -6.41
C PRO B 42 14.09 -3.47 -5.39
N PRO B 43 15.29 -3.93 -5.78
CA PRO B 43 16.13 -4.71 -4.85
C PRO B 43 16.35 -3.99 -3.52
N GLY B 44 15.99 -4.65 -2.42
CA GLY B 44 16.15 -4.07 -1.10
C GLY B 44 15.10 -3.05 -0.72
N LYS B 45 14.04 -2.88 -1.50
CA LYS B 45 13.02 -1.88 -1.21
C LYS B 45 11.64 -2.55 -1.17
N GLY B 46 10.59 -1.73 -1.17
CA GLY B 46 9.24 -2.19 -0.94
C GLY B 46 8.49 -2.54 -2.21
N LEU B 47 7.22 -2.86 -2.02
CA LEU B 47 6.35 -3.31 -3.11
C LEU B 47 5.59 -2.14 -3.72
N GLU B 48 5.38 -2.22 -5.04
CA GLU B 48 4.67 -1.18 -5.77
C GLU B 48 3.74 -1.82 -6.79
N TRP B 49 2.46 -1.46 -6.72
CA TRP B 49 1.49 -1.97 -7.68
C TRP B 49 1.68 -1.29 -9.03
N ILE B 50 1.67 -2.08 -10.09
CA ILE B 50 1.81 -1.58 -11.46
C ILE B 50 0.45 -1.41 -12.14
N GLY B 51 -0.36 -2.46 -12.14
CA GLY B 51 -1.64 -2.41 -12.80
C GLY B 51 -2.30 -3.77 -12.80
N THR B 52 -3.57 -3.77 -13.21
CA THR B 52 -4.43 -4.94 -13.15
C THR B 52 -5.32 -4.97 -14.38
N ILE B 53 -5.60 -6.17 -14.89
CA ILE B 53 -6.53 -6.37 -15.99
C ILE B 53 -7.59 -7.38 -15.56
N TYR B 54 -8.83 -7.14 -15.97
CA TYR B 54 -9.98 -7.91 -15.53
C TYR B 54 -10.88 -8.20 -16.72
N TYR B 55 -11.33 -9.45 -16.82
CA TYR B 55 -12.23 -9.90 -17.87
C TYR B 55 -11.79 -9.40 -19.24
N ILE B 56 -10.53 -9.70 -19.56
CA ILE B 56 -9.95 -9.56 -20.89
C ILE B 56 -9.65 -8.11 -21.26
N LYS B 57 -10.59 -7.18 -21.01
CA LYS B 57 -10.47 -5.83 -21.55
C LYS B 57 -10.37 -4.71 -20.52
N ASN B 58 -10.73 -4.95 -19.26
CA ASN B 58 -10.81 -3.85 -18.28
C ASN B 58 -9.47 -3.65 -17.61
N THR B 59 -9.00 -2.41 -17.53
CA THR B 59 -7.69 -2.15 -16.97
C THR B 59 -7.75 -1.09 -15.88
N TYR B 60 -6.84 -1.21 -14.92
CA TYR B 60 -6.70 -0.30 -13.80
C TYR B 60 -5.21 -0.12 -13.57
N TYR B 61 -4.74 1.11 -13.57
CA TYR B 61 -3.31 1.39 -13.55
C TYR B 61 -2.92 2.20 -12.33
N ASN B 62 -1.70 1.95 -11.85
CA ASN B 62 -1.08 2.87 -10.90
C ASN B 62 -1.00 4.25 -11.56
N PRO B 63 -1.61 5.28 -10.98
CA PRO B 63 -1.64 6.59 -11.65
C PRO B 63 -0.27 7.14 -12.00
N SER B 64 0.76 6.86 -11.20
CA SER B 64 2.08 7.39 -11.49
C SER B 64 2.81 6.62 -12.58
N LEU B 65 2.27 5.48 -13.03
CA LEU B 65 2.87 4.70 -14.10
C LEU B 65 1.98 4.55 -15.32
N ARG B 66 0.75 5.07 -15.25
CA ARG B 66 -0.28 4.73 -16.23
C ARG B 66 0.15 5.02 -17.66
N SER B 67 0.89 6.11 -17.88
CA SER B 67 1.28 6.49 -19.24
C SER B 67 2.28 5.52 -19.86
N ARG B 68 2.96 4.71 -19.05
CA ARG B 68 3.97 3.79 -19.55
C ARG B 68 3.52 2.33 -19.53
N VAL B 69 2.36 2.03 -18.97
CA VAL B 69 1.93 0.65 -18.74
C VAL B 69 0.90 0.25 -19.80
N THR B 70 1.05 -0.96 -20.34
CA THR B 70 0.05 -1.59 -21.17
C THR B 70 -0.12 -3.02 -20.68
N LEU B 71 -1.36 -3.42 -20.43
CA LEU B 71 -1.67 -4.79 -20.01
C LEU B 71 -2.53 -5.46 -21.06
N SER B 72 -2.36 -6.77 -21.22
CA SER B 72 -3.22 -7.47 -22.16
C SER B 72 -3.36 -8.93 -21.75
N VAL B 73 -4.33 -9.61 -22.36
CA VAL B 73 -4.64 -10.99 -22.07
C VAL B 73 -4.60 -11.78 -23.37
N ASP B 74 -4.00 -12.97 -23.34
CA ASP B 74 -4.09 -13.94 -24.43
C ASP B 74 -4.80 -15.18 -23.92
N THR B 75 -6.04 -15.36 -24.37
CA THR B 75 -6.87 -16.47 -23.92
C THR B 75 -6.43 -17.80 -24.53
N SER B 76 -5.79 -17.76 -25.70
CA SER B 76 -5.36 -19.01 -26.34
C SER B 76 -4.17 -19.63 -25.61
N LYS B 77 -3.34 -18.82 -24.96
CA LYS B 77 -2.24 -19.34 -24.16
C LYS B 77 -2.50 -19.26 -22.66
N ASN B 78 -3.67 -18.77 -22.26
CA ASN B 78 -4.01 -18.60 -20.85
C ASN B 78 -2.95 -17.78 -20.12
N LEU B 79 -2.64 -16.61 -20.66
CA LEU B 79 -1.61 -15.79 -20.04
C LEU B 79 -2.02 -14.32 -20.11
N PHE B 80 -1.38 -13.51 -19.28
CA PHE B 80 -1.53 -12.07 -19.40
C PHE B 80 -0.15 -11.42 -19.41
N SER B 81 -0.09 -10.18 -19.90
CA SER B 81 1.19 -9.57 -20.24
C SER B 81 1.23 -8.12 -19.79
N LEU B 82 2.46 -7.68 -19.50
CA LEU B 82 2.79 -6.32 -19.13
C LEU B 82 3.82 -5.77 -20.10
N LYS B 83 3.60 -4.54 -20.57
CA LYS B 83 4.59 -3.79 -21.33
C LYS B 83 4.81 -2.46 -20.64
N LEU B 84 6.07 -2.15 -20.36
CA LEU B 84 6.45 -0.94 -19.65
C LEU B 84 7.41 -0.16 -20.54
N SER B 85 6.95 0.97 -21.06
CA SER B 85 7.74 1.70 -22.05
C SER B 85 8.76 2.62 -21.40
N SER B 86 9.77 2.99 -22.19
CA SER B 86 10.76 4.01 -21.84
C SER B 86 11.38 3.76 -20.46
N VAL B 87 11.94 2.57 -20.31
CA VAL B 87 12.47 2.16 -19.00
C VAL B 87 13.74 2.94 -18.69
N THR B 88 13.93 3.25 -17.41
CA THR B 88 15.17 3.81 -16.89
C THR B 88 15.66 2.93 -15.74
N ALA B 89 16.76 3.34 -15.11
CA ALA B 89 17.33 2.58 -14.01
C ALA B 89 16.39 2.46 -12.82
N ALA B 90 15.43 3.39 -12.69
CA ALA B 90 14.42 3.27 -11.64
C ALA B 90 13.50 2.08 -11.83
N ASP B 91 13.52 1.44 -13.00
CA ASP B 91 12.64 0.32 -13.30
C ASP B 91 13.30 -1.04 -13.05
N THR B 92 14.58 -1.05 -12.68
CA THR B 92 15.20 -2.28 -12.22
C THR B 92 14.49 -2.79 -10.97
N ALA B 93 13.92 -4.00 -11.06
CA ALA B 93 13.14 -4.53 -9.95
C ALA B 93 12.80 -5.99 -10.22
N VAL B 94 12.38 -6.69 -9.18
CA VAL B 94 11.72 -7.98 -9.33
C VAL B 94 10.25 -7.73 -9.66
N TYR B 95 9.77 -8.34 -10.72
CA TYR B 95 8.39 -8.18 -11.17
C TYR B 95 7.63 -9.47 -10.86
N TYR B 96 6.59 -9.34 -10.06
CA TYR B 96 5.68 -10.42 -9.72
C TYR B 96 4.36 -10.21 -10.45
N CYS B 97 3.78 -11.31 -10.93
CA CYS B 97 2.36 -11.32 -11.26
C CYS B 97 1.60 -11.97 -10.10
N ALA B 98 0.30 -11.68 -10.05
CA ALA B 98 -0.52 -12.21 -8.98
C ALA B 98 -1.96 -12.29 -9.45
N ARG B 99 -2.69 -13.25 -8.89
CA ARG B 99 -4.14 -13.24 -9.04
C ARG B 99 -4.72 -12.26 -8.03
N GLU B 100 -5.66 -11.44 -8.48
CA GLU B 100 -6.31 -10.44 -7.65
C GLU B 100 -7.76 -10.89 -7.47
N ARG B 101 -8.14 -11.26 -6.27
CA ARG B 101 -9.48 -11.78 -6.16
C ARG B 101 -10.36 -10.85 -5.32
N PRO B 102 -11.67 -10.85 -5.57
CA PRO B 102 -12.58 -10.03 -4.77
C PRO B 102 -12.92 -10.73 -3.46
N PRO B 103 -13.57 -10.03 -2.53
CA PRO B 103 -14.03 -10.71 -1.30
C PRO B 103 -15.02 -11.82 -1.64
N PHE B 104 -15.15 -12.75 -0.72
CA PHE B 104 -16.07 -13.86 -0.90
C PHE B 104 -17.51 -13.38 -0.89
N ASP B 105 -18.35 -14.09 -1.64
CA ASP B 105 -19.81 -13.86 -1.68
C ASP B 105 -20.17 -12.51 -2.29
N VAL B 106 -19.41 -12.06 -3.29
CA VAL B 106 -19.67 -10.78 -3.95
C VAL B 106 -20.46 -11.04 -5.23
N VAL B 107 -21.57 -10.32 -5.40
CA VAL B 107 -22.39 -10.49 -6.60
C VAL B 107 -21.86 -9.62 -7.73
N VAL B 108 -21.61 -8.34 -7.44
CA VAL B 108 -21.19 -7.37 -8.46
C VAL B 108 -19.69 -7.17 -8.30
N VAL B 109 -18.92 -8.00 -9.02
CA VAL B 109 -17.46 -7.97 -8.89
C VAL B 109 -16.87 -6.59 -9.15
N PRO B 110 -17.20 -5.88 -10.24
CA PRO B 110 -16.56 -4.58 -10.48
C PRO B 110 -16.77 -3.58 -9.35
N ALA B 111 -17.85 -3.71 -8.57
CA ALA B 111 -18.10 -2.76 -7.50
C ALA B 111 -17.24 -3.02 -6.27
N ALA B 112 -16.62 -4.19 -6.16
CA ALA B 112 -15.86 -4.53 -4.96
C ALA B 112 -14.35 -4.37 -5.15
N ARG B 113 -13.92 -3.83 -6.30
CA ARG B 113 -12.49 -3.79 -6.62
C ARG B 113 -11.61 -3.16 -5.54
N PRO B 114 -11.98 -2.08 -4.84
CA PRO B 114 -11.09 -1.54 -3.81
C PRO B 114 -10.81 -2.50 -2.67
N TYR B 115 -11.60 -3.56 -2.52
CA TYR B 115 -11.41 -4.52 -1.45
C TYR B 115 -10.71 -5.79 -1.92
N ASN B 116 -10.23 -5.83 -3.16
CA ASN B 116 -9.51 -6.99 -3.65
C ASN B 116 -8.17 -7.15 -2.93
N TRP B 117 -7.67 -8.39 -2.89
CA TRP B 117 -6.32 -8.67 -2.43
C TRP B 117 -5.64 -9.61 -3.41
N PHE B 118 -4.34 -9.80 -3.22
CA PHE B 118 -3.51 -10.57 -4.15
C PHE B 118 -3.27 -11.97 -3.58
N ASP B 119 -3.70 -12.99 -4.31
CA ASP B 119 -3.50 -14.39 -3.93
C ASP B 119 -3.94 -15.32 -5.05
N PRO B 120 -3.06 -16.20 -5.55
CA PRO B 120 -1.65 -16.30 -5.14
C PRO B 120 -0.72 -15.40 -5.94
N TRP B 121 0.56 -15.43 -5.59
CA TRP B 121 1.60 -14.68 -6.29
C TRP B 121 2.45 -15.63 -7.13
N GLY B 122 3.02 -15.08 -8.19
CA GLY B 122 4.02 -15.81 -8.95
C GLY B 122 5.34 -15.85 -8.21
N LEU B 123 6.35 -16.37 -8.91
CA LEU B 123 7.68 -16.47 -8.32
C LEU B 123 8.49 -15.19 -8.44
N GLY B 124 8.12 -14.31 -9.36
CA GLY B 124 8.86 -13.09 -9.60
C GLY B 124 10.03 -13.32 -10.54
N THR B 125 10.33 -12.28 -11.33
CA THR B 125 11.44 -12.32 -12.26
C THR B 125 12.23 -11.02 -12.17
N LEU B 126 13.55 -11.13 -12.00
CA LEU B 126 14.39 -9.96 -11.86
C LEU B 126 14.64 -9.31 -13.21
N VAL B 127 14.38 -8.02 -13.31
CA VAL B 127 14.66 -7.23 -14.50
C VAL B 127 15.65 -6.14 -14.14
N ILE B 128 16.80 -6.14 -14.82
CA ILE B 128 17.83 -5.13 -14.65
C ILE B 128 17.81 -4.23 -15.88
N VAL B 129 17.73 -2.92 -15.66
CA VAL B 129 17.77 -1.93 -16.72
C VAL B 129 19.18 -1.35 -16.74
N SER B 130 19.91 -1.59 -17.83
CA SER B 130 21.29 -1.13 -17.93
C SER B 130 21.74 -1.18 -19.38
N SER B 131 22.44 -0.13 -19.80
CA SER B 131 23.11 -0.10 -21.10
C SER B 131 24.59 -0.43 -20.98
N ALA B 132 25.01 -0.96 -19.84
CA ALA B 132 26.44 -1.08 -19.55
C ALA B 132 27.07 -2.17 -20.39
N SER B 133 28.23 -1.87 -20.96
CA SER B 133 29.12 -2.89 -21.49
C SER B 133 30.05 -3.35 -20.38
N THR B 134 30.63 -4.54 -20.57
CA THR B 134 31.57 -5.07 -19.58
C THR B 134 32.70 -4.06 -19.36
N LYS B 135 33.01 -3.80 -18.09
CA LYS B 135 33.93 -2.72 -17.76
C LYS B 135 34.59 -3.00 -16.42
N GLY B 136 35.90 -2.73 -16.35
CA GLY B 136 36.65 -2.90 -15.13
C GLY B 136 36.42 -1.78 -14.15
N PRO B 137 36.63 -2.05 -12.86
CA PRO B 137 36.42 -1.03 -11.83
C PRO B 137 37.61 -0.13 -11.62
N SER B 138 37.31 1.08 -11.17
CA SER B 138 38.31 1.98 -10.60
C SER B 138 38.35 1.75 -9.10
N VAL B 139 39.55 1.71 -8.52
CA VAL B 139 39.72 1.44 -7.11
C VAL B 139 40.30 2.69 -6.45
N PHE B 140 39.59 3.22 -5.45
CA PHE B 140 40.02 4.41 -4.74
C PHE B 140 40.22 4.09 -3.26
N PRO B 141 41.19 4.72 -2.62
CA PRO B 141 41.44 4.44 -1.20
C PRO B 141 40.47 5.19 -0.30
N LEU B 142 40.02 4.49 0.73
CA LEU B 142 39.24 5.08 1.82
C LEU B 142 40.19 5.22 2.99
N ALA B 143 40.89 6.36 3.05
CA ALA B 143 41.99 6.57 3.98
C ALA B 143 41.48 6.79 5.41
N PRO B 144 42.23 6.34 6.40
CA PRO B 144 41.88 6.62 7.80
C PRO B 144 42.24 8.05 8.14
N SER B 145 41.25 8.83 8.56
CA SER B 145 41.47 10.24 8.82
C SER B 145 42.09 10.43 10.20
N SER B 146 42.29 11.70 10.58
CA SER B 146 42.84 12.04 11.89
C SER B 146 41.89 11.70 13.02
N LYS B 147 40.67 11.24 12.72
CA LYS B 147 39.68 10.90 13.74
C LYS B 147 40.04 9.60 14.43
N SER B 148 39.84 8.46 13.73
CA SER B 148 40.09 7.16 14.33
C SER B 148 41.54 7.01 14.78
N THR B 149 42.47 7.72 14.12
CA THR B 149 43.87 7.68 14.52
C THR B 149 44.06 8.08 15.98
N SER B 150 43.28 9.07 16.44
CA SER B 150 43.42 9.54 17.81
C SER B 150 42.98 8.51 18.84
N GLY B 151 42.16 7.55 18.45
CA GLY B 151 41.65 6.53 19.34
C GLY B 151 42.44 5.24 19.28
N GLY B 152 41.78 4.14 19.64
CA GLY B 152 42.41 2.84 19.64
C GLY B 152 42.36 2.13 18.30
N THR B 153 41.18 2.11 17.67
CA THR B 153 40.99 1.48 16.38
C THR B 153 40.91 2.52 15.27
N ALA B 154 41.13 2.05 14.05
CA ALA B 154 41.10 2.89 12.85
C ALA B 154 40.43 2.11 11.74
N ALA B 155 39.47 2.71 11.08
CA ALA B 155 38.78 2.09 9.95
C ALA B 155 39.38 2.60 8.65
N LEU B 156 39.72 1.68 7.75
CA LEU B 156 40.18 2.09 6.41
C LEU B 156 39.60 1.11 5.40
N GLY B 157 39.61 1.50 4.13
CA GLY B 157 38.99 0.63 3.16
C GLY B 157 39.36 0.95 1.73
N CYS B 158 38.59 0.34 0.83
CA CYS B 158 38.75 0.47 -0.61
C CYS B 158 37.38 0.57 -1.26
N LEU B 159 37.24 1.56 -2.14
CA LEU B 159 36.04 1.77 -2.93
C LEU B 159 36.27 1.21 -4.33
N VAL B 160 35.44 0.25 -4.72
CA VAL B 160 35.53 -0.44 -6.01
C VAL B 160 34.35 0.04 -6.83
N LYS B 161 34.61 0.93 -7.79
CA LYS B 161 33.58 1.77 -8.39
C LYS B 161 33.45 1.51 -9.89
N ASP B 162 32.19 1.48 -10.36
CA ASP B 162 31.83 1.51 -11.77
C ASP B 162 32.42 0.32 -12.53
N TYR B 163 31.87 -0.86 -12.24
CA TYR B 163 32.23 -2.08 -12.95
C TYR B 163 30.96 -2.81 -13.41
N PHE B 164 31.14 -3.69 -14.38
CA PHE B 164 30.03 -4.46 -14.95
C PHE B 164 30.60 -5.63 -15.72
N PRO B 165 30.04 -6.84 -15.57
CA PRO B 165 28.99 -7.15 -14.60
C PRO B 165 29.58 -7.61 -13.28
N GLU B 166 28.76 -8.20 -12.43
CA GLU B 166 29.25 -8.81 -11.21
C GLU B 166 29.86 -10.17 -11.52
N PRO B 167 30.76 -10.67 -10.66
CA PRO B 167 31.20 -10.08 -9.40
C PRO B 167 32.63 -9.56 -9.41
N VAL B 168 33.02 -8.95 -8.28
CA VAL B 168 34.40 -8.57 -8.02
C VAL B 168 34.78 -9.15 -6.66
N THR B 169 36.00 -9.69 -6.58
CA THR B 169 36.54 -10.26 -5.36
C THR B 169 37.56 -9.30 -4.77
N VAL B 170 37.55 -9.18 -3.43
CA VAL B 170 38.47 -8.29 -2.72
C VAL B 170 39.14 -9.08 -1.61
N SER B 171 40.46 -8.99 -1.53
CA SER B 171 41.23 -9.48 -0.40
C SER B 171 42.08 -8.33 0.13
N TRP B 172 42.79 -8.58 1.23
CA TRP B 172 43.68 -7.59 1.81
C TRP B 172 45.04 -8.21 2.05
N ASN B 173 46.09 -7.51 1.62
CA ASN B 173 47.47 -7.97 1.73
C ASN B 173 47.60 -9.39 1.15
N SER B 174 46.98 -9.59 -0.02
CA SER B 174 47.01 -10.88 -0.72
C SER B 174 46.53 -12.02 0.17
N GLY B 175 45.55 -11.72 1.01
CA GLY B 175 44.96 -12.72 1.88
C GLY B 175 45.60 -12.83 3.26
N ALA B 176 46.69 -12.11 3.51
CA ALA B 176 47.36 -12.15 4.80
C ALA B 176 46.63 -11.35 5.88
N LEU B 177 45.68 -10.49 5.49
CA LEU B 177 44.88 -9.74 6.45
C LEU B 177 43.43 -10.15 6.28
N THR B 178 42.85 -10.72 7.34
CA THR B 178 41.52 -11.29 7.25
C THR B 178 40.60 -10.87 8.40
N SER B 179 41.14 -10.71 9.60
CA SER B 179 40.32 -10.36 10.76
C SER B 179 40.01 -8.87 10.75
N GLY B 180 38.76 -8.53 11.11
CA GLY B 180 38.29 -7.17 11.04
C GLY B 180 37.90 -6.71 9.65
N VAL B 181 37.95 -7.60 8.67
CA VAL B 181 37.62 -7.28 7.28
C VAL B 181 36.15 -7.58 7.02
N HIS B 182 35.49 -6.68 6.30
CA HIS B 182 34.14 -6.92 5.81
C HIS B 182 34.02 -6.30 4.43
N THR B 183 33.70 -7.13 3.44
CA THR B 183 33.47 -6.66 2.08
C THR B 183 31.97 -6.69 1.82
N PHE B 184 31.42 -5.54 1.43
CA PHE B 184 29.98 -5.35 1.32
C PHE B 184 29.47 -5.85 -0.02
N PRO B 185 28.18 -6.17 -0.11
CA PRO B 185 27.58 -6.45 -1.42
C PRO B 185 27.56 -5.20 -2.26
N ALA B 186 27.34 -5.39 -3.56
CA ALA B 186 27.42 -4.29 -4.50
C ALA B 186 26.09 -3.54 -4.57
N VAL B 187 26.17 -2.24 -4.84
CA VAL B 187 25.02 -1.44 -5.23
C VAL B 187 25.05 -1.30 -6.74
N LEU B 188 23.87 -1.17 -7.33
CA LEU B 188 23.73 -0.85 -8.74
C LEU B 188 23.34 0.62 -8.86
N GLN B 189 24.20 1.40 -9.51
CA GLN B 189 24.00 2.84 -9.62
C GLN B 189 23.10 3.17 -10.80
N SER B 190 22.56 4.39 -10.79
CA SER B 190 21.68 4.84 -11.87
C SER B 190 22.40 4.93 -13.21
N SER B 191 23.74 4.85 -13.20
CA SER B 191 24.51 4.72 -14.43
C SER B 191 24.45 3.33 -15.03
N GLY B 192 23.90 2.35 -14.31
CA GLY B 192 23.91 0.98 -14.77
C GLY B 192 25.16 0.21 -14.44
N LEU B 193 26.02 0.74 -13.58
CA LEU B 193 27.26 0.11 -13.19
C LEU B 193 27.24 -0.20 -11.69
N TYR B 194 28.01 -1.22 -11.31
CA TYR B 194 28.07 -1.66 -9.93
C TYR B 194 29.21 -0.96 -9.18
N SER B 195 29.05 -0.88 -7.86
CA SER B 195 30.11 -0.45 -6.95
C SER B 195 29.95 -1.20 -5.64
N LEU B 196 31.07 -1.44 -4.96
CA LEU B 196 31.05 -1.96 -3.61
C LEU B 196 32.25 -1.40 -2.85
N SER B 197 32.29 -1.69 -1.56
CA SER B 197 33.38 -1.25 -0.71
C SER B 197 33.85 -2.40 0.17
N SER B 198 35.13 -2.35 0.54
CA SER B 198 35.70 -3.30 1.49
C SER B 198 36.36 -2.51 2.61
N VAL B 199 36.05 -2.86 3.86
CA VAL B 199 36.55 -2.12 5.00
C VAL B 199 37.30 -3.07 5.93
N VAL B 200 38.26 -2.51 6.66
CA VAL B 200 38.99 -3.26 7.69
C VAL B 200 39.21 -2.33 8.88
N THR B 201 38.96 -2.87 10.07
CA THR B 201 39.27 -2.21 11.34
C THR B 201 40.62 -2.70 11.83
N VAL B 202 41.52 -1.77 12.10
CA VAL B 202 42.93 -2.08 12.34
C VAL B 202 43.43 -1.28 13.54
N PRO B 203 44.50 -1.76 14.19
CA PRO B 203 45.08 -0.99 15.29
C PRO B 203 45.64 0.35 14.81
N SER B 204 45.29 1.42 15.54
CA SER B 204 45.73 2.76 15.15
C SER B 204 47.25 2.88 15.15
N SER B 205 47.93 2.15 16.02
CA SER B 205 49.39 2.20 16.09
C SER B 205 50.08 1.46 14.96
N SER B 206 49.31 0.91 14.01
CA SER B 206 49.86 0.18 12.88
C SER B 206 49.97 1.03 11.62
N LEU B 207 49.42 2.25 11.62
CA LEU B 207 49.26 3.00 10.38
C LEU B 207 50.59 3.47 9.80
N GLY B 208 51.63 3.58 10.60
CA GLY B 208 52.95 3.84 10.06
C GLY B 208 53.74 2.56 9.90
N THR B 209 53.45 1.59 10.77
CA THR B 209 54.21 0.34 10.81
C THR B 209 53.83 -0.60 9.68
N GLN B 210 52.54 -0.75 9.40
CA GLN B 210 52.02 -1.82 8.55
C GLN B 210 51.46 -1.27 7.25
N THR B 211 51.86 -1.88 6.14
CA THR B 211 51.27 -1.58 4.85
C THR B 211 49.90 -2.24 4.74
N TYR B 212 48.98 -1.55 4.06
CA TYR B 212 47.62 -2.05 3.85
C TYR B 212 47.27 -1.93 2.37
N ILE B 213 47.15 -3.06 1.70
CA ILE B 213 46.82 -3.13 0.28
C ILE B 213 45.55 -3.91 0.12
N CYS B 214 44.63 -3.41 -0.69
CA CYS B 214 43.46 -4.18 -1.09
C CYS B 214 43.68 -4.71 -2.51
N ASN B 215 43.43 -6.00 -2.69
CA ASN B 215 43.58 -6.69 -3.96
C ASN B 215 42.19 -6.90 -4.55
N VAL B 216 41.98 -6.41 -5.76
CA VAL B 216 40.66 -6.36 -6.39
C VAL B 216 40.73 -7.11 -7.71
N ASN B 217 39.80 -8.05 -7.90
CA ASN B 217 39.78 -8.93 -9.07
C ASN B 217 38.40 -8.86 -9.71
N HIS B 218 38.36 -8.50 -10.99
CA HIS B 218 37.14 -8.47 -11.80
C HIS B 218 37.42 -9.36 -13.01
N LYS B 219 37.00 -10.62 -12.92
CA LYS B 219 37.30 -11.66 -13.91
C LYS B 219 36.65 -11.41 -15.27
N PRO B 220 35.40 -10.89 -15.34
CA PRO B 220 34.81 -10.64 -16.67
C PRO B 220 35.62 -9.71 -17.53
N SER B 221 36.17 -8.63 -16.96
CA SER B 221 37.00 -7.71 -17.71
C SER B 221 38.49 -8.06 -17.63
N ASN B 222 38.83 -9.16 -16.95
CA ASN B 222 40.22 -9.57 -16.77
C ASN B 222 41.06 -8.45 -16.12
N THR B 223 40.50 -7.83 -15.09
CA THR B 223 41.14 -6.70 -14.43
C THR B 223 41.55 -7.09 -13.02
N LYS B 224 42.78 -6.79 -12.65
CA LYS B 224 43.26 -6.95 -11.28
C LYS B 224 44.01 -5.70 -10.87
N VAL B 225 43.71 -5.18 -9.69
CA VAL B 225 44.26 -3.91 -9.23
C VAL B 225 44.62 -4.04 -7.76
N ASP B 226 45.81 -3.57 -7.40
CA ASP B 226 46.23 -3.44 -6.01
C ASP B 226 46.22 -1.98 -5.62
N LYS B 227 45.67 -1.65 -4.46
CA LYS B 227 45.64 -0.27 -4.00
C LYS B 227 46.13 -0.20 -2.56
N ARG B 228 47.18 0.58 -2.33
CA ARG B 228 47.68 0.82 -0.99
C ARG B 228 46.88 1.95 -0.35
N VAL B 229 46.48 1.75 0.90
CA VAL B 229 45.65 2.69 1.64
C VAL B 229 46.49 3.25 2.79
N GLU B 230 46.81 4.53 2.72
CA GLU B 230 47.63 5.22 3.69
C GLU B 230 46.90 6.47 4.19
N PRO B 231 47.33 7.04 5.33
CA PRO B 231 46.51 8.08 5.97
C PRO B 231 46.84 9.50 5.51
N LYS B 232 46.94 9.73 4.21
CA LYS B 232 47.23 11.04 3.64
C LYS B 232 46.40 12.14 4.31
N SER B 233 47.09 13.22 4.68
CA SER B 233 46.47 14.26 5.50
C SER B 233 45.45 15.06 4.71
N CYS B 234 44.35 15.42 5.38
CA CYS B 234 43.20 16.17 4.86
C CYS B 234 43.36 16.79 3.47
N GLN C 1 9.49 5.28 -0.65
CA GLN C 1 8.30 6.12 -0.50
C GLN C 1 7.03 5.30 -0.69
N SER C 2 6.14 5.39 0.29
CA SER C 2 4.93 4.58 0.34
C SER C 2 3.84 5.34 1.06
N VAL C 3 2.59 5.11 0.64
CA VAL C 3 1.48 5.90 1.17
C VAL C 3 1.06 5.39 2.56
N LEU C 4 1.28 4.11 2.85
CA LEU C 4 1.01 3.55 4.16
C LEU C 4 2.32 3.49 4.95
N MET C 5 2.28 3.92 6.20
CA MET C 5 3.48 4.06 7.02
C MET C 5 3.57 2.90 8.01
N GLN C 6 4.65 2.13 7.92
CA GLN C 6 4.98 1.03 8.81
C GLN C 6 6.31 1.32 9.51
N PRO C 7 6.50 0.81 10.72
CA PRO C 7 7.82 0.88 11.34
C PRO C 7 8.81 0.06 10.54
N PRO C 8 10.04 0.56 10.36
CA PRO C 8 11.02 -0.19 9.56
C PRO C 8 11.39 -1.53 10.16
N SER C 9 11.35 -1.66 11.47
CA SER C 9 11.77 -2.90 12.10
C SER C 9 11.00 -3.10 13.41
N VAL C 10 10.70 -4.36 13.70
CA VAL C 10 10.14 -4.77 14.97
C VAL C 10 10.88 -6.03 15.39
N SER C 11 11.03 -6.21 16.71
CA SER C 11 11.76 -7.36 17.22
C SER C 11 11.14 -7.85 18.52
N GLY C 12 11.25 -9.16 18.74
CA GLY C 12 10.81 -9.76 19.99
C GLY C 12 11.51 -11.09 20.18
N ALA C 13 11.57 -11.52 21.44
CA ALA C 13 12.18 -12.80 21.75
C ALA C 13 11.26 -13.94 21.35
N PRO C 14 11.81 -15.14 21.15
CA PRO C 14 10.96 -16.30 20.86
C PRO C 14 9.89 -16.50 21.91
N GLY C 15 8.65 -16.65 21.47
CA GLY C 15 7.53 -16.85 22.37
C GLY C 15 6.79 -15.60 22.78
N GLN C 16 7.30 -14.42 22.45
CA GLN C 16 6.66 -13.18 22.85
C GLN C 16 5.61 -12.75 21.82
N ARG C 17 4.80 -11.77 22.22
CA ARG C 17 3.86 -11.13 21.30
C ARG C 17 4.52 -9.90 20.69
N VAL C 18 4.16 -9.62 19.45
CA VAL C 18 4.74 -8.55 18.66
C VAL C 18 3.61 -7.93 17.83
N THR C 19 3.67 -6.61 17.63
CA THR C 19 2.69 -5.93 16.79
C THR C 19 3.40 -5.06 15.76
N ILE C 20 2.79 -4.97 14.58
CA ILE C 20 3.27 -4.16 13.47
C ILE C 20 2.12 -3.26 13.04
N SER C 21 2.30 -1.96 13.19
CA SER C 21 1.25 -1.01 12.84
C SER C 21 1.36 -0.60 11.37
N CYS C 22 0.27 -0.01 10.88
CA CYS C 22 0.16 0.39 9.48
C CYS C 22 -0.80 1.59 9.47
N THR C 23 -0.23 2.79 9.48
CA THR C 23 -1.04 4.00 9.58
C THR C 23 -1.23 4.62 8.21
N GLY C 24 -2.49 4.86 7.85
CA GLY C 24 -2.80 5.53 6.60
C GLY C 24 -3.46 6.87 6.84
N SER C 25 -4.49 7.19 6.05
CA SER C 25 -5.16 8.46 6.16
C SER C 25 -6.64 8.28 5.86
N SER C 26 -7.39 9.38 5.93
CA SER C 26 -8.81 9.38 5.65
C SER C 26 -9.13 9.14 4.18
N SER C 27 -8.12 9.06 3.30
CA SER C 27 -8.36 8.71 1.91
C SER C 27 -8.09 7.24 1.61
N ASN C 28 -7.51 6.48 2.56
CA ASN C 28 -7.37 5.04 2.35
C ASN C 28 -7.98 4.25 3.50
N ILE C 29 -7.21 3.93 4.53
CA ILE C 29 -7.75 3.12 5.63
C ILE C 29 -8.91 3.84 6.30
N GLY C 30 -8.80 5.15 6.46
CA GLY C 30 -9.85 5.94 7.09
C GLY C 30 -11.08 6.16 6.21
N ALA C 31 -11.00 5.83 4.93
CA ALA C 31 -12.15 5.94 4.04
C ALA C 31 -12.98 4.66 4.01
N GLY C 32 -12.64 3.66 4.81
CA GLY C 32 -13.41 2.44 4.89
C GLY C 32 -12.87 1.27 4.10
N TYR C 33 -11.68 1.41 3.50
CA TYR C 33 -11.12 0.33 2.69
C TYR C 33 -10.35 -0.65 3.58
N ASP C 34 -10.38 -1.92 3.16
CA ASP C 34 -9.78 -2.99 3.94
C ASP C 34 -8.26 -2.95 3.85
N VAL C 35 -7.62 -3.57 4.84
CA VAL C 35 -6.16 -3.74 4.87
C VAL C 35 -5.85 -5.23 4.77
N HIS C 36 -4.92 -5.56 3.88
CA HIS C 36 -4.41 -6.91 3.71
C HIS C 36 -2.94 -6.93 4.10
N TRP C 37 -2.47 -8.07 4.57
CA TRP C 37 -1.08 -8.23 4.99
C TRP C 37 -0.46 -9.37 4.21
N TYR C 38 0.76 -9.13 3.71
CA TYR C 38 1.55 -10.12 3.02
C TYR C 38 2.84 -10.36 3.78
N GLN C 39 3.24 -11.63 3.83
CA GLN C 39 4.50 -12.04 4.44
C GLN C 39 5.48 -12.42 3.35
N GLN C 40 6.68 -11.84 3.42
CA GLN C 40 7.75 -12.09 2.45
C GLN C 40 8.91 -12.69 3.22
N LEU C 41 9.02 -14.03 3.18
CA LEU C 41 10.17 -14.71 3.70
C LEU C 41 11.40 -14.37 2.87
N PRO C 42 12.59 -14.39 3.46
CA PRO C 42 13.79 -13.99 2.71
C PRO C 42 14.01 -14.88 1.50
N GLY C 43 14.28 -14.24 0.37
CA GLY C 43 14.52 -14.94 -0.87
C GLY C 43 13.28 -15.42 -1.60
N THR C 44 12.08 -15.12 -1.09
CA THR C 44 10.84 -15.64 -1.65
C THR C 44 9.92 -14.50 -2.05
N ALA C 45 8.90 -14.85 -2.83
CA ALA C 45 7.87 -13.91 -3.19
C ALA C 45 6.99 -13.60 -1.97
N PRO C 46 6.32 -12.44 -1.98
CA PRO C 46 5.31 -12.19 -0.95
C PRO C 46 4.20 -13.23 -1.03
N LYS C 47 3.51 -13.42 0.09
CA LYS C 47 2.40 -14.36 0.19
C LYS C 47 1.33 -13.77 1.10
N LEU C 48 0.08 -14.03 0.77
CA LEU C 48 -1.03 -13.51 1.56
C LEU C 48 -0.98 -14.05 2.98
N LEU C 49 -1.02 -13.14 3.96
CA LEU C 49 -1.04 -13.48 5.37
C LEU C 49 -2.37 -13.17 6.02
N ILE C 50 -2.90 -11.98 5.81
CA ILE C 50 -4.22 -11.58 6.33
C ILE C 50 -4.96 -10.90 5.19
N TYR C 51 -6.26 -11.17 5.07
CA TYR C 51 -7.07 -10.43 4.10
C TYR C 51 -8.27 -9.83 4.80
N GLY C 52 -8.74 -8.70 4.25
CA GLY C 52 -9.92 -8.03 4.76
C GLY C 52 -9.83 -7.69 6.24
N ASN C 53 -8.74 -7.03 6.63
CA ASN C 53 -8.49 -6.55 7.99
C ASN C 53 -8.08 -7.67 8.94
N ASN C 54 -8.83 -8.77 8.97
CA ASN C 54 -8.67 -9.70 10.08
C ASN C 54 -8.97 -11.16 9.73
N ASN C 55 -9.00 -11.54 8.45
CA ASN C 55 -9.31 -12.92 8.07
C ASN C 55 -8.04 -13.66 7.72
N ARG C 56 -7.93 -14.89 8.20
CA ARG C 56 -6.77 -15.74 7.93
C ARG C 56 -7.08 -16.67 6.76
N PRO C 57 -6.28 -16.67 5.70
CA PRO C 57 -6.42 -17.71 4.68
C PRO C 57 -6.02 -19.07 5.25
N SER C 58 -6.53 -20.11 4.60
CA SER C 58 -6.18 -21.47 5.02
C SER C 58 -4.68 -21.67 4.91
N GLY C 59 -4.09 -22.25 5.96
CA GLY C 59 -2.67 -22.46 6.04
C GLY C 59 -1.93 -21.46 6.92
N VAL C 60 -2.53 -20.31 7.19
CA VAL C 60 -1.89 -19.31 8.05
C VAL C 60 -2.24 -19.63 9.50
N PRO C 61 -1.26 -19.80 10.37
CA PRO C 61 -1.54 -20.24 11.74
C PRO C 61 -2.25 -19.19 12.59
N ASP C 62 -3.00 -19.70 13.57
CA ASP C 62 -3.67 -19.00 14.66
C ASP C 62 -2.90 -17.82 15.23
N ARG C 63 -1.57 -17.93 15.28
CA ARG C 63 -0.73 -16.93 15.95
C ARG C 63 -0.79 -15.57 15.26
N PHE C 64 -1.20 -15.53 14.00
CA PHE C 64 -1.32 -14.29 13.25
C PHE C 64 -2.72 -13.73 13.36
N SER C 65 -2.81 -12.42 13.60
CA SER C 65 -4.09 -11.75 13.78
C SER C 65 -3.98 -10.36 13.19
N GLY C 66 -5.11 -9.81 12.76
CA GLY C 66 -5.14 -8.47 12.22
C GLY C 66 -6.34 -7.72 12.76
N SER C 67 -6.21 -6.39 12.77
CA SER C 67 -7.33 -5.53 13.13
C SER C 67 -7.11 -4.16 12.49
N LYS C 68 -8.16 -3.35 12.51
CA LYS C 68 -8.05 -1.98 12.06
C LYS C 68 -8.91 -1.09 12.94
N SER C 69 -8.50 0.17 13.04
CA SER C 69 -9.16 1.15 13.91
C SER C 69 -8.85 2.52 13.36
N GLY C 70 -9.90 3.27 13.00
CA GLY C 70 -9.71 4.61 12.48
C GLY C 70 -8.90 4.60 11.20
N THR C 71 -7.79 5.32 11.21
CA THR C 71 -6.89 5.41 10.06
C THR C 71 -5.73 4.43 10.16
N SER C 72 -5.80 3.46 11.07
CA SER C 72 -4.66 2.59 11.32
C SER C 72 -5.11 1.14 11.28
N ALA C 73 -4.13 0.25 11.06
CA ALA C 73 -4.34 -1.19 11.12
C ALA C 73 -3.15 -1.81 11.84
N SER C 74 -3.32 -3.04 12.30
CA SER C 74 -2.30 -3.67 13.12
C SER C 74 -2.27 -5.17 12.87
N LEU C 75 -1.06 -5.70 12.69
CA LEU C 75 -0.80 -7.13 12.60
C LEU C 75 -0.16 -7.58 13.91
N ALA C 76 -0.77 -8.55 14.57
CA ALA C 76 -0.25 -9.10 15.81
C ALA C 76 0.22 -10.52 15.59
N ILE C 77 1.38 -10.84 16.13
CA ILE C 77 2.00 -12.16 16.03
C ILE C 77 2.31 -12.60 17.45
N THR C 78 1.64 -13.65 17.92
CA THR C 78 1.90 -14.23 19.22
C THR C 78 2.81 -15.45 19.08
N GLY C 79 3.43 -15.84 20.20
CA GLY C 79 4.29 -17.00 20.23
C GLY C 79 5.37 -16.98 19.17
N LEU C 80 6.13 -15.89 19.13
CA LEU C 80 7.11 -15.65 18.08
C LEU C 80 8.03 -16.84 17.89
N GLN C 81 8.18 -17.28 16.64
CA GLN C 81 9.06 -18.38 16.28
C GLN C 81 10.08 -17.88 15.25
N ALA C 82 11.18 -18.64 15.14
CA ALA C 82 12.21 -18.28 14.17
C ALA C 82 11.67 -18.31 12.74
N ASP C 83 10.72 -19.19 12.47
CA ASP C 83 10.06 -19.23 11.16
C ASP C 83 9.45 -17.90 10.76
N ASP C 84 9.20 -17.00 11.72
CA ASP C 84 8.44 -15.78 11.46
C ASP C 84 9.31 -14.63 10.97
N GLU C 85 10.64 -14.74 11.05
CA GLU C 85 11.51 -13.69 10.53
C GLU C 85 11.25 -13.49 9.05
N ALA C 86 10.86 -12.27 8.68
CA ALA C 86 10.42 -11.96 7.33
C ALA C 86 10.15 -10.46 7.28
N ASP C 87 9.85 -10.00 6.08
CA ASP C 87 9.34 -8.65 5.87
C ASP C 87 7.84 -8.71 5.70
N TYR C 88 7.11 -7.83 6.39
CA TYR C 88 5.66 -7.83 6.37
C TYR C 88 5.18 -6.53 5.73
N TYR C 89 4.24 -6.62 4.81
CA TYR C 89 3.72 -5.48 4.09
C TYR C 89 2.22 -5.37 4.30
N CYS C 90 1.74 -4.18 4.64
CA CYS C 90 0.31 -3.94 4.58
C CYS C 90 -0.04 -3.34 3.23
N GLN C 91 -1.32 -3.42 2.89
CA GLN C 91 -1.80 -2.98 1.58
C GLN C 91 -3.28 -2.62 1.70
N SER C 92 -3.66 -1.53 1.06
CA SER C 92 -5.05 -1.09 1.07
C SER C 92 -5.35 -0.40 -0.26
N TYR C 93 -6.42 0.39 -0.28
CA TYR C 93 -6.82 1.15 -1.45
C TYR C 93 -6.99 2.61 -1.04
N ASP C 94 -6.59 3.50 -1.93
CA ASP C 94 -6.63 4.95 -1.72
C ASP C 94 -7.49 5.58 -2.80
N SER C 95 -8.51 6.31 -2.40
CA SER C 95 -9.49 6.85 -3.34
C SER C 95 -9.11 8.22 -3.90
N SER C 96 -8.01 8.81 -3.45
CA SER C 96 -7.65 10.13 -3.92
C SER C 96 -7.24 10.10 -5.39
N LEU C 97 -7.53 11.20 -6.08
CA LEU C 97 -7.34 11.33 -7.53
C LEU C 97 -8.16 10.25 -8.21
N SER C 98 -7.55 9.34 -8.97
CA SER C 98 -8.30 8.31 -9.68
C SER C 98 -8.38 6.99 -8.94
N GLY C 99 -7.78 6.89 -7.74
CA GLY C 99 -7.80 5.65 -6.98
C GLY C 99 -6.63 4.74 -7.32
N SER C 100 -6.14 4.00 -6.32
CA SER C 100 -4.97 3.16 -6.53
C SER C 100 -4.80 2.24 -5.32
N LYS C 101 -4.32 1.04 -5.58
CA LYS C 101 -3.82 0.21 -4.48
C LYS C 101 -2.56 0.86 -3.91
N VAL C 102 -2.40 0.78 -2.59
CA VAL C 102 -1.24 1.34 -1.93
C VAL C 102 -0.66 0.30 -0.98
N PHE C 103 0.66 0.34 -0.84
CA PHE C 103 1.40 -0.56 0.04
C PHE C 103 2.06 0.24 1.14
N GLY C 104 2.25 -0.40 2.29
CA GLY C 104 3.17 0.12 3.28
C GLY C 104 4.60 -0.10 2.86
N GLY C 105 5.52 0.59 3.54
CA GLY C 105 6.92 0.45 3.24
C GLY C 105 7.57 -0.84 3.69
N GLY C 106 6.85 -1.67 4.43
CA GLY C 106 7.41 -2.93 4.89
C GLY C 106 8.04 -2.83 6.26
N THR C 107 7.98 -3.95 6.99
CA THR C 107 8.54 -4.06 8.33
C THR C 107 9.38 -5.33 8.40
N LYS C 108 10.66 -5.18 8.73
CA LYS C 108 11.48 -6.35 8.99
C LYS C 108 11.25 -6.81 10.43
N LEU C 109 10.69 -8.01 10.58
CA LEU C 109 10.52 -8.61 11.89
C LEU C 109 11.74 -9.46 12.21
N THR C 110 12.37 -9.19 13.36
CA THR C 110 13.52 -9.95 13.81
C THR C 110 13.16 -10.73 15.06
N VAL C 111 13.41 -12.03 15.03
CA VAL C 111 13.28 -12.88 16.21
C VAL C 111 14.65 -12.92 16.88
N LEU C 112 14.75 -12.31 18.06
CA LEU C 112 16.03 -12.07 18.70
C LEU C 112 16.77 -13.37 19.01
N GLY C 113 17.98 -13.50 18.47
CA GLY C 113 18.81 -14.66 18.73
C GLY C 113 20.19 -14.26 19.24
N GLN C 114 20.35 -12.98 19.53
CA GLN C 114 21.60 -12.45 20.07
C GLN C 114 21.30 -11.10 20.68
N PRO C 115 22.22 -10.55 21.48
CA PRO C 115 21.96 -9.24 22.11
C PRO C 115 21.86 -8.13 21.08
N LYS C 116 21.03 -7.14 21.38
CA LYS C 116 20.96 -5.96 20.55
C LYS C 116 22.26 -5.18 20.63
N ALA C 117 22.59 -4.48 19.54
CA ALA C 117 23.84 -3.73 19.48
C ALA C 117 23.64 -2.52 18.58
N ALA C 118 24.03 -1.35 19.07
CA ALA C 118 23.90 -0.11 18.32
C ALA C 118 24.97 -0.04 17.22
N PRO C 119 24.65 0.52 16.07
CA PRO C 119 25.61 0.53 14.97
C PRO C 119 26.77 1.48 15.22
N SER C 120 27.93 1.08 14.70
CA SER C 120 29.07 1.98 14.55
C SER C 120 29.05 2.54 13.13
N VAL C 121 29.26 3.86 13.01
CA VAL C 121 29.13 4.56 11.74
C VAL C 121 30.45 5.26 11.43
N THR C 122 30.93 5.10 10.20
CA THR C 122 32.12 5.78 9.71
C THR C 122 31.83 6.39 8.35
N LEU C 123 32.08 7.68 8.22
CA LEU C 123 31.78 8.43 7.00
C LEU C 123 33.08 8.90 6.38
N PHE C 124 33.41 8.35 5.21
CA PHE C 124 34.57 8.70 4.39
C PHE C 124 34.19 9.74 3.35
N PRO C 125 34.91 10.86 3.30
CA PRO C 125 34.74 11.80 2.19
C PRO C 125 35.36 11.24 0.92
N PRO C 126 35.10 11.86 -0.24
CA PRO C 126 35.76 11.40 -1.46
C PRO C 126 37.27 11.55 -1.35
N SER C 127 37.98 10.50 -1.77
CA SER C 127 39.43 10.56 -1.78
C SER C 127 39.91 11.61 -2.77
N SER C 128 41.13 12.10 -2.55
CA SER C 128 41.74 13.00 -3.52
C SER C 128 41.94 12.30 -4.87
N GLU C 129 42.22 11.00 -4.85
CA GLU C 129 42.34 10.25 -6.10
C GLU C 129 41.06 10.32 -6.91
N GLU C 130 39.91 10.11 -6.26
CA GLU C 130 38.64 10.17 -6.98
C GLU C 130 38.36 11.58 -7.49
N LEU C 131 38.67 12.60 -6.68
CA LEU C 131 38.43 13.98 -7.11
C LEU C 131 39.30 14.34 -8.31
N GLN C 132 40.55 13.87 -8.33
CA GLN C 132 41.41 14.07 -9.49
C GLN C 132 40.83 13.41 -10.73
N ALA C 133 40.08 12.33 -10.56
CA ALA C 133 39.34 11.69 -11.64
C ALA C 133 37.98 12.34 -11.88
N ASN C 134 37.76 13.54 -11.34
CA ASN C 134 36.55 14.32 -11.62
C ASN C 134 35.30 13.60 -11.12
N LYS C 135 35.39 12.96 -9.96
CA LYS C 135 34.26 12.27 -9.36
C LYS C 135 34.30 12.47 -7.85
N ALA C 136 33.16 12.31 -7.21
CA ALA C 136 33.12 12.40 -5.76
C ALA C 136 32.11 11.38 -5.23
N THR C 137 32.54 10.57 -4.26
CA THR C 137 31.67 9.61 -3.62
C THR C 137 31.86 9.69 -2.11
N LEU C 138 30.77 9.96 -1.40
CA LEU C 138 30.76 9.85 0.06
C LEU C 138 30.34 8.44 0.44
N VAL C 139 31.12 7.81 1.32
CA VAL C 139 30.91 6.42 1.69
C VAL C 139 30.59 6.34 3.17
N CYS C 140 29.40 5.85 3.50
CA CYS C 140 28.95 5.71 4.87
C CYS C 140 28.88 4.22 5.19
N LEU C 141 29.78 3.75 6.06
CA LEU C 141 29.87 2.34 6.43
C LEU C 141 29.33 2.17 7.84
N ILE C 142 28.48 1.17 8.03
CA ILE C 142 27.74 0.93 9.25
C ILE C 142 27.96 -0.52 9.65
N SER C 143 28.32 -0.76 10.91
CA SER C 143 28.72 -2.11 11.28
C SER C 143 28.30 -2.43 12.71
N ASP C 144 28.33 -3.72 13.04
CA ASP C 144 28.22 -4.22 14.41
C ASP C 144 26.87 -3.91 15.04
N PHE C 145 25.80 -3.99 14.25
CA PHE C 145 24.47 -3.74 14.79
C PHE C 145 23.60 -4.98 14.69
N TYR C 146 22.62 -5.05 15.59
CA TYR C 146 21.60 -6.08 15.65
C TYR C 146 20.37 -5.53 16.34
N PRO C 147 19.16 -5.75 15.81
CA PRO C 147 18.81 -6.50 14.59
C PRO C 147 19.38 -5.89 13.32
N GLY C 148 19.40 -6.67 12.24
CA GLY C 148 19.92 -6.22 10.98
C GLY C 148 18.92 -5.38 10.20
N ALA C 149 18.57 -4.23 10.76
CA ALA C 149 17.61 -3.32 10.12
C ALA C 149 18.02 -1.89 10.46
N VAL C 150 18.17 -1.06 9.43
CA VAL C 150 18.65 0.29 9.62
C VAL C 150 18.05 1.19 8.55
N THR C 151 17.87 2.45 8.89
CA THR C 151 17.40 3.47 7.96
C THR C 151 18.50 4.50 7.77
N VAL C 152 18.87 4.77 6.52
CA VAL C 152 19.93 5.72 6.20
C VAL C 152 19.30 6.94 5.52
N ALA C 153 19.68 8.12 5.99
CA ALA C 153 19.24 9.38 5.40
C ALA C 153 20.44 10.29 5.24
N TRP C 154 20.58 10.88 4.06
CA TRP C 154 21.68 11.80 3.75
C TRP C 154 21.18 13.23 3.75
N LYS C 155 22.02 14.14 4.23
CA LYS C 155 21.69 15.56 4.21
C LYS C 155 22.87 16.37 3.72
N ALA C 156 22.59 17.36 2.87
CA ALA C 156 23.57 18.34 2.42
C ALA C 156 23.13 19.70 2.96
N ASP C 157 23.89 20.22 3.92
CA ASP C 157 23.54 21.45 4.64
C ASP C 157 22.09 21.37 5.14
N SER C 158 21.79 20.29 5.85
CA SER C 158 20.49 19.95 6.43
C SER C 158 19.43 19.65 5.39
N SER C 159 19.75 19.69 4.10
CA SER C 159 18.71 19.43 3.09
C SER C 159 18.72 17.95 2.71
N PRO C 160 17.58 17.28 2.78
CA PRO C 160 17.56 15.83 2.48
C PRO C 160 17.95 15.56 1.03
N VAL C 161 18.87 14.60 0.86
CA VAL C 161 19.34 14.22 -0.46
C VAL C 161 18.73 12.87 -0.81
N LYS C 162 18.02 12.81 -1.94
CA LYS C 162 17.44 11.56 -2.44
C LYS C 162 18.25 10.98 -3.58
N ALA C 163 18.56 11.78 -4.60
CA ALA C 163 19.22 11.28 -5.79
C ALA C 163 20.70 11.05 -5.54
N GLY C 164 21.28 10.11 -6.29
CA GLY C 164 22.66 9.75 -6.12
C GLY C 164 22.96 8.90 -4.89
N VAL C 165 21.92 8.44 -4.19
CA VAL C 165 22.09 7.62 -2.99
C VAL C 165 21.79 6.17 -3.33
N GLU C 166 22.66 5.27 -2.87
CA GLU C 166 22.36 3.84 -2.96
C GLU C 166 22.76 3.18 -1.64
N THR C 167 21.97 2.20 -1.21
CA THR C 167 22.18 1.59 0.09
C THR C 167 21.99 0.08 0.01
N THR C 168 22.92 -0.67 0.61
CA THR C 168 22.84 -2.12 0.64
C THR C 168 21.99 -2.60 1.82
N THR C 169 21.33 -3.74 1.62
CA THR C 169 20.59 -4.37 2.70
C THR C 169 21.57 -4.94 3.72
N PRO C 170 21.29 -4.77 5.02
CA PRO C 170 22.20 -5.29 6.05
C PRO C 170 22.49 -6.78 5.85
N SER C 171 23.77 -7.14 5.95
CA SER C 171 24.23 -8.51 5.82
C SER C 171 25.16 -8.85 6.97
N LYS C 172 25.25 -10.14 7.29
CA LYS C 172 26.03 -10.58 8.43
C LYS C 172 27.52 -10.47 8.16
N GLN C 173 28.26 -10.05 9.17
CA GLN C 173 29.71 -10.07 9.19
C GLN C 173 30.19 -11.23 10.07
N SER C 174 31.51 -11.36 10.19
CA SER C 174 32.08 -12.61 10.69
C SER C 174 31.71 -12.86 12.14
N ASN C 175 31.44 -11.80 12.90
CA ASN C 175 31.02 -11.96 14.27
C ASN C 175 29.51 -12.12 14.39
N ASN C 176 28.82 -12.41 13.28
CA ASN C 176 27.38 -12.64 13.19
C ASN C 176 26.54 -11.39 13.47
N LYS C 177 27.15 -10.25 13.73
CA LYS C 177 26.39 -9.01 13.75
C LYS C 177 26.21 -8.51 12.32
N TYR C 178 25.53 -7.38 12.16
CA TYR C 178 25.17 -6.90 10.83
C TYR C 178 25.97 -5.66 10.44
N ALA C 179 26.11 -5.48 9.14
CA ALA C 179 26.73 -4.31 8.56
C ALA C 179 25.96 -3.90 7.31
N ALA C 180 26.11 -2.63 6.94
CA ALA C 180 25.47 -2.07 5.76
C ALA C 180 26.32 -0.91 5.27
N SER C 181 26.07 -0.49 4.03
CA SER C 181 26.82 0.59 3.42
C SER C 181 25.87 1.47 2.63
N SER C 182 26.20 2.75 2.54
CA SER C 182 25.41 3.71 1.78
C SER C 182 26.35 4.67 1.07
N TYR C 183 25.99 5.05 -0.15
CA TYR C 183 26.81 5.89 -1.00
C TYR C 183 26.02 7.12 -1.43
N LEU C 184 26.69 8.27 -1.39
CA LEU C 184 26.18 9.49 -2.02
C LEU C 184 27.17 9.88 -3.12
N SER C 185 26.74 9.73 -4.37
CA SER C 185 27.58 10.04 -5.52
C SER C 185 27.30 11.46 -6.00
N LEU C 186 28.34 12.28 -6.05
CA LEU C 186 28.28 13.68 -6.43
C LEU C 186 29.36 14.00 -7.45
N THR C 187 29.12 15.07 -8.21
CA THR C 187 30.19 15.71 -8.94
C THR C 187 31.04 16.53 -7.97
N PRO C 188 32.29 16.82 -8.33
CA PRO C 188 33.13 17.65 -7.44
C PRO C 188 32.55 19.03 -7.18
N GLU C 189 31.90 19.63 -8.19
CA GLU C 189 31.27 20.94 -8.00
C GLU C 189 30.27 20.91 -6.85
N GLN C 190 29.29 20.00 -6.91
CA GLN C 190 28.29 19.97 -5.85
C GLN C 190 28.87 19.47 -4.53
N TRP C 191 29.93 18.66 -4.58
CA TRP C 191 30.64 18.29 -3.36
C TRP C 191 31.15 19.53 -2.65
N LYS C 192 31.80 20.43 -3.39
CA LYS C 192 32.37 21.61 -2.78
C LYS C 192 31.37 22.75 -2.60
N SER C 193 30.14 22.60 -3.09
CA SER C 193 29.15 23.67 -2.94
C SER C 193 28.43 23.67 -1.60
N HIS C 194 28.71 22.74 -0.70
CA HIS C 194 28.03 22.69 0.58
C HIS C 194 29.03 22.76 1.73
N ARG C 195 28.55 23.25 2.89
CA ARG C 195 29.42 23.35 4.06
C ARG C 195 29.70 21.99 4.68
N SER C 196 28.69 21.12 4.75
CA SER C 196 28.90 19.80 5.34
C SER C 196 27.81 18.85 4.86
N TYR C 197 28.11 17.56 4.97
CA TYR C 197 27.20 16.48 4.63
C TYR C 197 27.08 15.56 5.82
N SER C 198 25.87 15.02 5.99
CA SER C 198 25.52 14.19 7.14
C SER C 198 25.01 12.85 6.65
N CYS C 199 25.56 11.78 7.23
CA CYS C 199 24.99 10.44 7.13
C CYS C 199 24.30 10.14 8.46
N GLN C 200 22.98 10.02 8.42
CA GLN C 200 22.16 9.75 9.59
C GLN C 200 21.64 8.33 9.54
N VAL C 201 21.87 7.59 10.61
CA VAL C 201 21.65 6.15 10.69
C VAL C 201 20.71 5.89 11.85
N THR C 202 19.50 5.41 11.53
CA THR C 202 18.47 5.16 12.52
C THR C 202 18.33 3.66 12.73
N HIS C 203 18.44 3.24 13.99
CA HIS C 203 18.41 1.84 14.37
C HIS C 203 17.54 1.70 15.61
N GLU C 204 16.47 0.91 15.50
CA GLU C 204 15.54 0.69 16.61
C GLU C 204 15.06 2.01 17.21
N GLY C 205 14.84 3.01 16.36
CA GLY C 205 14.33 4.28 16.80
C GLY C 205 15.35 5.23 17.37
N SER C 206 16.66 4.95 17.26
CA SER C 206 17.70 5.83 17.75
C SER C 206 18.62 6.20 16.60
N THR C 207 18.92 7.49 16.45
CA THR C 207 19.62 8.01 15.27
C THR C 207 20.99 8.54 15.66
N VAL C 208 22.03 8.00 15.01
CA VAL C 208 23.41 8.48 15.14
C VAL C 208 23.84 9.03 13.79
N GLU C 209 24.56 10.16 13.80
CA GLU C 209 24.99 10.76 12.55
C GLU C 209 26.49 11.00 12.55
N LYS C 210 27.08 10.93 11.36
CA LYS C 210 28.45 11.37 11.13
C LYS C 210 28.44 12.44 10.05
N THR C 211 29.45 13.32 10.10
CA THR C 211 29.48 14.51 9.27
C THR C 211 30.86 14.66 8.62
N VAL C 212 30.88 15.11 7.37
CA VAL C 212 32.12 15.48 6.69
C VAL C 212 31.95 16.85 6.08
N ALA C 213 33.08 17.55 5.90
CA ALA C 213 33.08 18.87 5.29
C ALA C 213 34.20 18.95 4.26
N PRO C 214 33.95 19.54 3.10
CA PRO C 214 35.04 19.70 2.11
C PRO C 214 36.19 20.53 2.61
N THR C 215 35.92 21.51 3.48
CA THR C 215 36.99 22.31 4.06
C THR C 215 37.88 21.47 4.97
N GLU C 216 37.29 20.66 5.83
CA GLU C 216 38.04 19.85 6.80
C GLU C 216 38.45 18.50 6.21
#